data_7ANB
#
_entry.id   7ANB
#
_cell.length_a   81.268
_cell.length_b   81.268
_cell.length_c   383.735
_cell.angle_alpha   90.000
_cell.angle_beta   90.000
_cell.angle_gamma   90.000
#
_symmetry.space_group_name_H-M   'P 43 21 2'
#
loop_
_entity.id
_entity.type
_entity.pdbx_description
1 polymer N-acetylgalactosamine-6-sulfatase
2 non-polymer 'SULFATE ION'
3 non-polymer 1,2-ETHANEDIOL
4 non-polymer 'CALCIUM ION'
5 water water
#
_entity_poly.entity_id   1
_entity_poly.type   'polypeptide(L)'
_entity_poly.pdbx_seq_one_letter_code
;MGSSHHHHHHSSGLVPRGSHMASQTQPASPNVIYILMDDLGYGDIGCFGQDKIETPHIDRLCSEGIKLTQHYSGSPVSAP
ARCVLMTGMHSGHAQIRFNNELAERGAVNNYDSVYVHKELEGQFPLQANTMTIGRMMQQAGYTTGCFGKWGLGYPGSEGT
PNKQGFDRFYGYNCQRQSHTYYPPFLYNDEERVYLSNKVTDPHRSPLDKGADPNDPASYAKYTQKEYANDLIFDELMGFV
DANKRKPFFLMWTTPLPHVSLQAPERWVQHYVKKFGDEKPYTGQAGYLPCRYPHATYAAMISYFDEQIGQLIEKLKAEHL
YENTLIVFTSDNGPTFNGGSDSPWFNSGGLFNSAYGWGKCFLHEGGIRVPAIITWPGKIKPGTQSDHICAFQDVMPTLAE
LAGITCPPTDGISFLPTLLGKKGKQKEHTYLYWEYPDPRIGNKAIRMGKWKGIITDIRKGNTQMQLYNLETDIREEHDVA
AQHPDIVKRFERLMKEARNGPDF
;
_entity_poly.pdbx_strand_id   AAA,BBB
#
loop_
_chem_comp.id
_chem_comp.type
_chem_comp.name
_chem_comp.formula
CA non-polymer 'CALCIUM ION' 'Ca 2'
EDO non-polymer 1,2-ETHANEDIOL 'C2 H6 O2'
SO4 non-polymer 'SULFATE ION' 'O4 S -2'
#
# COMPACT_ATOMS: atom_id res chain seq x y z
N SER A 29 -32.86 7.50 21.03
CA SER A 29 -31.67 8.34 20.63
C SER A 29 -30.80 8.65 21.85
N PRO A 30 -29.49 8.27 21.84
CA PRO A 30 -28.68 8.22 23.06
C PRO A 30 -27.85 9.46 23.42
N ASN A 31 -27.28 9.43 24.62
CA ASN A 31 -26.20 10.36 25.07
C ASN A 31 -24.96 10.10 24.22
N VAL A 32 -24.12 11.11 24.05
CA VAL A 32 -22.81 11.03 23.32
C VAL A 32 -21.73 11.68 24.19
N ILE A 33 -20.60 10.98 24.40
CA ILE A 33 -19.40 11.54 25.06
C ILE A 33 -18.24 11.43 24.07
N TYR A 34 -17.81 12.54 23.48
CA TYR A 34 -16.70 12.57 22.48
C TYR A 34 -15.41 12.98 23.20
N ILE A 35 -14.59 12.01 23.58
CA ILE A 35 -13.29 12.24 24.28
C ILE A 35 -12.23 12.47 23.21
N LEU A 36 -11.63 13.66 23.19
CA LEU A 36 -10.53 14.01 22.24
C LEU A 36 -9.30 14.37 23.05
N MET A 37 -8.24 13.56 22.95
CA MET A 37 -6.91 13.87 23.55
C MET A 37 -6.12 14.71 22.54
N ASP A 38 -4.92 15.16 22.93
CA ASP A 38 -4.16 16.24 22.25
C ASP A 38 -2.70 15.80 22.13
N ASP A 39 -2.27 15.45 20.92
CA ASP A 39 -0.89 15.01 20.55
C ASP A 39 -0.63 13.57 21.05
N LEU A 40 -1.70 12.81 21.32
CA LEU A 40 -1.66 11.34 21.60
C LEU A 40 -1.53 10.59 20.27
N GLY A 41 -0.44 9.82 20.10
CA GLY A 41 -0.14 9.14 18.82
C GLY A 41 -0.95 7.85 18.62
N TYR A 42 -0.94 7.33 17.39
CA TYR A 42 -1.60 6.05 16.98
C TYR A 42 -1.30 4.94 18.00
N GLY A 43 -0.02 4.77 18.38
CA GLY A 43 0.47 3.68 19.24
C GLY A 43 0.81 4.11 20.66
N ASP A 44 0.08 5.08 21.22
CA ASP A 44 0.29 5.58 22.61
C ASP A 44 -0.71 4.90 23.57
N ILE A 45 -1.61 4.05 23.07
CA ILE A 45 -2.61 3.30 23.90
C ILE A 45 -2.44 1.79 23.66
N GLY A 46 -2.50 1.00 24.75
CA GLY A 46 -2.18 -0.44 24.79
C GLY A 46 -2.80 -1.23 23.66
N CYS A 47 -4.04 -0.93 23.27
CA CYS A 47 -4.80 -1.69 22.24
C CYS A 47 -4.40 -1.27 20.82
N PHE A 48 -3.46 -0.34 20.65
CA PHE A 48 -2.81 -0.04 19.33
C PHE A 48 -1.31 -0.31 19.43
N GLY A 49 -0.88 -1.12 20.40
CA GLY A 49 0.45 -1.75 20.44
C GLY A 49 1.38 -1.15 21.48
N GLN A 50 0.91 -0.23 22.33
CA GLN A 50 1.75 0.51 23.32
C GLN A 50 2.24 -0.48 24.38
N ASP A 51 3.57 -0.61 24.52
CA ASP A 51 4.26 -1.59 25.40
C ASP A 51 4.50 -1.01 26.80
N LYS A 52 4.76 0.30 26.91
CA LYS A 52 5.36 0.93 28.12
C LYS A 52 4.29 1.66 28.96
N ILE A 53 3.41 2.41 28.31
CA ILE A 53 2.37 3.26 28.99
C ILE A 53 1.14 2.40 29.27
N GLU A 54 0.74 2.30 30.54
CA GLU A 54 -0.44 1.52 31.00
C GLU A 54 -1.71 2.33 30.72
N THR A 55 -2.62 1.81 29.89
CA THR A 55 -3.93 2.45 29.57
C THR A 55 -5.06 1.47 29.86
N PRO A 56 -5.13 0.89 31.09
CA PRO A 56 -6.10 -0.15 31.41
C PRO A 56 -7.54 0.22 31.01
N HIS A 57 -8.06 1.34 31.49
CA HIS A 57 -9.48 1.76 31.32
C HIS A 57 -9.77 2.02 29.83
N ILE A 58 -8.76 2.49 29.09
CA ILE A 58 -8.84 2.76 27.62
C ILE A 58 -8.89 1.42 26.87
N ASP A 59 -8.08 0.45 27.28
CA ASP A 59 -8.02 -0.91 26.66
C ASP A 59 -9.34 -1.66 26.96
N ARG A 60 -9.82 -1.57 28.21
CA ARG A 60 -11.12 -2.13 28.66
C ARG A 60 -12.25 -1.59 27.78
N LEU A 61 -12.18 -0.30 27.44
CA LEU A 61 -13.16 0.42 26.59
C LEU A 61 -13.12 -0.17 25.17
N CYS A 62 -11.92 -0.37 24.63
CA CYS A 62 -11.64 -1.01 23.31
C CYS A 62 -12.29 -2.40 23.28
N SER A 63 -12.04 -3.20 24.30
CA SER A 63 -12.52 -4.59 24.44
C SER A 63 -14.05 -4.63 24.48
N GLU A 64 -14.71 -3.51 24.79
CA GLU A 64 -16.19 -3.41 24.93
C GLU A 64 -16.80 -2.65 23.74
N GLY A 65 -16.04 -2.44 22.66
CA GLY A 65 -16.55 -1.70 21.47
C GLY A 65 -15.74 -1.98 20.22
N ILE A 66 -15.91 -1.12 19.22
CA ILE A 66 -15.27 -1.23 17.87
C ILE A 66 -14.04 -0.32 17.84
N LYS A 67 -12.89 -0.86 17.41
CA LYS A 67 -11.62 -0.14 17.22
C LYS A 67 -11.51 0.23 15.73
N LEU A 68 -11.36 1.52 15.40
CA LEU A 68 -11.19 2.00 14.01
C LEU A 68 -9.68 2.16 13.73
N THR A 69 -9.18 1.55 12.65
CA THR A 69 -7.73 1.43 12.37
C THR A 69 -7.32 2.38 11.23
N GLN A 70 -8.27 2.96 10.51
CA GLN A 70 -7.98 3.97 9.46
C GLN A 70 -8.81 5.23 9.71
N HIS A 71 -8.71 5.79 10.92
CA HIS A 71 -9.43 7.03 11.34
C HIS A 71 -8.45 8.20 11.35
N TYR A 72 -8.75 9.22 10.54
CA TYR A 72 -7.90 10.41 10.32
C TYR A 72 -8.48 11.64 11.03
N SER A 73 -7.61 12.56 11.45
CA SER A 73 -7.96 13.92 11.91
C SER A 73 -8.25 14.82 10.71
N GLY A 74 -8.67 16.07 10.96
CA GLY A 74 -8.81 17.11 9.93
C GLY A 74 -7.46 17.71 9.54
N SER A 75 -6.48 17.61 10.44
CA SER A 75 -5.21 18.39 10.38
C SER A 75 -4.19 17.79 11.34
N PRO A 76 -2.89 17.87 11.03
CA PRO A 76 -1.83 17.44 11.94
C PRO A 76 -1.50 18.43 13.09
N VAL A 77 -2.27 19.52 13.24
CA VAL A 77 -2.22 20.43 14.42
C VAL A 77 -3.65 20.81 14.87
N SER A 78 -3.76 21.42 16.05
CA SER A 78 -4.95 21.40 16.93
C SER A 78 -6.15 22.15 16.33
N ALA A 79 -5.98 23.42 15.97
CA ALA A 79 -7.10 24.34 15.64
C ALA A 79 -7.83 23.88 14.38
N PRO A 80 -7.12 23.60 13.26
CA PRO A 80 -7.81 23.10 12.08
C PRO A 80 -8.43 21.71 12.33
N ALA A 81 -7.75 20.85 13.10
CA ALA A 81 -8.31 19.53 13.49
C ALA A 81 -9.69 19.75 14.12
N ARG A 82 -9.75 20.62 15.12
CA ARG A 82 -10.97 20.87 15.92
C ARG A 82 -11.99 21.61 15.05
N CYS A 83 -11.53 22.45 14.11
CA CYS A 83 -12.40 23.18 13.15
C CYS A 83 -13.14 22.16 12.28
N VAL A 84 -12.41 21.20 11.71
CA VAL A 84 -12.94 20.10 10.85
C VAL A 84 -13.94 19.26 11.67
N LEU A 85 -13.53 18.83 12.87
CA LEU A 85 -14.38 18.04 13.81
C LEU A 85 -15.71 18.75 14.07
N MET A 86 -15.66 20.06 14.34
CA MET A 86 -16.84 20.85 14.79
C MET A 86 -17.73 21.19 13.59
N THR A 87 -17.13 21.65 12.49
CA THR A 87 -17.86 22.26 11.35
C THR A 87 -18.36 21.18 10.38
N GLY A 88 -17.76 19.98 10.39
CA GLY A 88 -18.09 18.89 9.45
C GLY A 88 -17.63 19.18 8.03
N MET A 89 -16.68 20.11 7.88
CA MET A 89 -16.02 20.45 6.59
C MET A 89 -14.55 20.01 6.68
N HIS A 90 -13.97 19.58 5.56
CA HIS A 90 -12.57 19.06 5.52
C HIS A 90 -11.60 20.25 5.37
N SER A 91 -10.31 20.01 5.59
CA SER A 91 -9.27 21.04 5.76
C SER A 91 -9.11 21.90 4.50
N GLY A 92 -9.59 21.42 3.35
CA GLY A 92 -9.59 22.17 2.09
C GLY A 92 -10.76 23.11 1.95
N HIS A 93 -11.79 22.98 2.81
CA HIS A 93 -13.02 23.82 2.77
C HIS A 93 -13.20 24.63 4.07
N ALA A 94 -12.42 24.35 5.13
CA ALA A 94 -12.72 24.74 6.53
C ALA A 94 -12.40 26.22 6.74
N GLN A 95 -13.01 26.82 7.77
CA GLN A 95 -12.81 28.25 8.16
C GLN A 95 -11.39 28.46 8.69
N ILE A 96 -10.85 27.49 9.44
CA ILE A 96 -9.53 27.58 10.14
C ILE A 96 -8.64 26.43 9.64
N ARG A 97 -7.47 26.73 9.11
CA ARG A 97 -6.62 25.74 8.40
C ARG A 97 -5.19 25.71 8.99
N PHE A 98 -4.92 26.48 10.04
CA PHE A 98 -3.62 26.53 10.75
C PHE A 98 -3.85 27.14 12.14
N ASN A 99 -2.84 27.02 13.01
CA ASN A 99 -2.87 27.66 14.36
C ASN A 99 -2.56 29.15 14.20
N ASN A 100 -3.61 29.99 14.32
CA ASN A 100 -3.53 31.46 14.07
C ASN A 100 -3.71 32.23 15.38
N GLU A 101 -2.62 32.82 15.91
CA GLU A 101 -2.58 33.50 17.23
C GLU A 101 -2.98 34.98 17.12
N LEU A 102 -3.24 35.48 15.90
CA LEU A 102 -3.64 36.90 15.64
C LEU A 102 -2.68 37.86 16.33
N ALA A 103 -1.37 37.72 16.09
CA ALA A 103 -0.27 38.45 16.76
C ALA A 103 -0.31 39.96 16.45
N GLU A 104 -1.12 40.40 15.48
CA GLU A 104 -1.35 41.83 15.14
C GLU A 104 -1.96 42.57 16.33
N ARG A 105 -2.75 41.88 17.15
CA ARG A 105 -3.46 42.43 18.35
C ARG A 105 -2.45 43.01 19.34
N GLY A 106 -1.25 42.44 19.42
CA GLY A 106 -0.16 42.88 20.32
C GLY A 106 0.66 41.72 20.85
N ALA A 107 1.03 41.77 22.14
CA ALA A 107 2.00 40.87 22.80
C ALA A 107 1.31 39.55 23.19
N VAL A 108 0.79 38.83 22.19
CA VAL A 108 -0.03 37.59 22.40
C VAL A 108 0.84 36.52 23.07
N ASN A 109 2.16 36.52 22.80
CA ASN A 109 3.10 35.45 23.23
C ASN A 109 3.64 35.78 24.65
N ASN A 110 3.24 36.90 25.24
CA ASN A 110 3.63 37.27 26.62
C ASN A 110 2.48 36.89 27.57
N TYR A 111 2.76 36.02 28.55
CA TYR A 111 1.72 35.42 29.43
C TYR A 111 1.33 36.45 30.50
N ASP A 112 2.28 37.28 30.95
CA ASP A 112 1.97 38.45 31.80
C ASP A 112 0.94 39.32 31.07
N SER A 113 1.22 39.71 29.82
CA SER A 113 0.36 40.59 28.97
C SER A 113 -1.03 39.96 28.79
N VAL A 114 -1.10 38.64 28.57
CA VAL A 114 -2.37 37.90 28.33
C VAL A 114 -3.18 37.83 29.63
N TYR A 115 -2.51 37.68 30.78
CA TYR A 115 -3.16 37.69 32.12
C TYR A 115 -3.88 39.04 32.33
N VAL A 116 -3.23 40.14 31.96
CA VAL A 116 -3.80 41.50 32.15
C VAL A 116 -4.86 41.76 31.08
N HIS A 117 -4.62 41.32 29.85
CA HIS A 117 -5.37 41.72 28.63
C HIS A 117 -5.96 40.49 27.93
N LYS A 118 -7.24 40.21 28.17
CA LYS A 118 -7.96 39.03 27.61
C LYS A 118 -8.12 39.22 26.09
N GLU A 119 -7.97 40.44 25.60
CA GLU A 119 -8.05 40.76 24.14
C GLU A 119 -6.86 40.14 23.41
N LEU A 120 -5.80 39.75 24.14
CA LEU A 120 -4.55 39.17 23.57
C LEU A 120 -4.59 37.63 23.64
N GLU A 121 -5.58 37.05 24.33
CA GLU A 121 -5.69 35.59 24.61
C GLU A 121 -6.25 34.85 23.39
N GLY A 122 -5.90 33.58 23.22
CA GLY A 122 -6.59 32.63 22.32
C GLY A 122 -6.28 32.85 20.85
N GLN A 123 -7.13 32.29 19.98
CA GLN A 123 -6.86 32.01 18.54
C GLN A 123 -7.96 32.61 17.66
N PHE A 124 -7.72 32.59 16.35
CA PHE A 124 -8.66 33.06 15.30
C PHE A 124 -10.03 32.45 15.55
N PRO A 125 -11.12 33.25 15.54
CA PRO A 125 -12.45 32.73 15.87
C PRO A 125 -13.22 32.12 14.68
N LEU A 126 -14.09 31.16 14.99
CA LEU A 126 -15.19 30.74 14.07
C LEU A 126 -16.09 31.96 13.83
N GLN A 127 -16.72 32.05 12.66
CA GLN A 127 -17.76 33.07 12.35
C GLN A 127 -19.01 32.81 13.20
N ALA A 128 -19.76 33.85 13.54
CA ALA A 128 -21.07 33.75 14.23
C ALA A 128 -22.03 32.98 13.31
N ASN A 129 -22.85 32.09 13.89
CA ASN A 129 -23.89 31.26 13.20
C ASN A 129 -23.27 30.03 12.53
N THR A 130 -21.95 29.85 12.58
CA THR A 130 -21.29 28.61 12.08
C THR A 130 -22.02 27.39 12.65
N MET A 131 -22.55 26.53 11.78
CA MET A 131 -23.18 25.25 12.19
C MET A 131 -22.09 24.30 12.67
N THR A 132 -22.00 24.10 13.98
CA THR A 132 -21.07 23.13 14.64
C THR A 132 -21.88 21.94 15.14
N ILE A 133 -21.21 20.83 15.43
CA ILE A 133 -21.87 19.59 15.94
C ILE A 133 -22.59 19.93 17.25
N GLY A 134 -22.01 20.78 18.09
CA GLY A 134 -22.63 21.26 19.34
C GLY A 134 -23.98 21.91 19.08
N ARG A 135 -24.03 22.82 18.10
CA ARG A 135 -25.25 23.59 17.73
C ARG A 135 -26.28 22.64 17.09
N MET A 136 -25.82 21.71 16.26
CA MET A 136 -26.67 20.66 15.64
C MET A 136 -27.38 19.88 16.76
N MET A 137 -26.60 19.31 17.70
CA MET A 137 -27.10 18.53 18.86
C MET A 137 -28.03 19.40 19.72
N GLN A 138 -27.73 20.70 19.85
CA GLN A 138 -28.56 21.67 20.63
C GLN A 138 -30.00 21.69 20.08
N GLN A 139 -30.17 22.00 18.79
CA GLN A 139 -31.50 22.11 18.14
C GLN A 139 -32.09 20.71 17.92
N ALA A 140 -31.32 19.66 18.23
CA ALA A 140 -31.77 18.25 18.35
C ALA A 140 -32.37 17.96 19.72
N GLY A 141 -32.25 18.90 20.68
CA GLY A 141 -32.83 18.79 22.03
C GLY A 141 -31.82 18.34 23.08
N TYR A 142 -30.53 18.29 22.73
CA TYR A 142 -29.43 17.87 23.64
C TYR A 142 -28.88 19.08 24.41
N THR A 143 -28.76 18.96 25.74
CA THR A 143 -27.89 19.81 26.59
C THR A 143 -26.44 19.51 26.16
N THR A 144 -25.67 20.53 25.79
CA THR A 144 -24.30 20.37 25.24
C THR A 144 -23.29 20.98 26.21
N GLY A 145 -22.12 20.35 26.33
CA GLY A 145 -21.00 20.79 27.16
C GLY A 145 -19.68 20.47 26.50
N CYS A 146 -18.70 21.37 26.65
CA CYS A 146 -17.28 21.13 26.27
C CYS A 146 -16.41 21.34 27.51
N PHE A 147 -15.43 20.46 27.77
CA PHE A 147 -14.56 20.52 28.97
C PHE A 147 -13.12 20.21 28.56
N GLY A 148 -12.21 21.13 28.88
CA GLY A 148 -10.76 20.98 28.62
C GLY A 148 -10.19 22.19 27.93
N LYS A 149 -10.20 22.18 26.59
CA LYS A 149 -9.46 23.16 25.73
C LYS A 149 -10.33 23.47 24.51
N TRP A 150 -10.37 24.74 24.10
CA TRP A 150 -11.20 25.25 22.99
C TRP A 150 -10.31 25.45 21.75
N GLY A 151 -9.73 26.63 21.55
CA GLY A 151 -8.76 26.91 20.46
C GLY A 151 -9.41 27.46 19.20
N LEU A 152 -10.73 27.70 19.22
CA LEU A 152 -11.51 28.10 18.02
C LEU A 152 -12.12 29.50 18.18
N GLY A 153 -11.55 30.35 19.05
CA GLY A 153 -11.96 31.76 19.15
C GLY A 153 -11.54 32.39 20.45
N TYR A 154 -11.05 33.63 20.38
CA TYR A 154 -10.51 34.37 21.55
C TYR A 154 -11.64 34.84 22.43
N PRO A 155 -11.39 35.08 23.73
CA PRO A 155 -12.44 35.55 24.63
C PRO A 155 -13.08 36.83 24.08
N GLY A 156 -14.41 36.87 24.01
CA GLY A 156 -15.19 38.04 23.56
C GLY A 156 -15.40 38.09 22.06
N SER A 157 -14.77 37.19 21.30
CA SER A 157 -15.00 37.02 19.85
C SER A 157 -16.34 36.32 19.63
N GLU A 158 -16.77 36.23 18.37
CA GLU A 158 -18.02 35.55 17.95
C GLU A 158 -17.84 34.03 17.93
N GLY A 159 -16.66 33.52 18.32
CA GLY A 159 -16.28 32.11 18.18
C GLY A 159 -16.03 31.42 19.52
N THR A 160 -16.53 31.97 20.64
CA THR A 160 -16.37 31.36 21.98
C THR A 160 -17.28 30.14 22.09
N PRO A 161 -16.94 29.14 22.93
CA PRO A 161 -17.72 27.92 23.02
C PRO A 161 -19.23 28.19 23.16
N ASN A 162 -19.60 29.12 24.05
CA ASN A 162 -21.02 29.40 24.42
C ASN A 162 -21.78 29.98 23.23
N LYS A 163 -21.07 30.52 22.24
CA LYS A 163 -21.68 31.12 21.01
C LYS A 163 -21.54 30.16 19.83
N GLN A 164 -21.08 28.92 20.07
CA GLN A 164 -20.78 27.93 19.01
C GLN A 164 -21.36 26.57 19.40
N GLY A 165 -22.55 26.57 19.99
CA GLY A 165 -23.39 25.37 20.18
C GLY A 165 -23.21 24.70 21.54
N PHE A 166 -22.47 25.31 22.47
CA PHE A 166 -22.18 24.73 23.80
C PHE A 166 -22.89 25.53 24.90
N ASP A 167 -23.93 24.95 25.48
CA ASP A 167 -24.67 25.50 26.65
C ASP A 167 -23.65 25.74 27.78
N ARG A 168 -22.64 24.87 27.85
CA ARG A 168 -21.71 24.77 29.01
C ARG A 168 -20.27 24.58 28.50
N PHE A 169 -19.31 25.33 29.05
CA PHE A 169 -17.85 25.19 28.80
C PHE A 169 -17.08 25.36 30.12
N TYR A 170 -15.94 24.68 30.25
CA TYR A 170 -14.98 24.93 31.36
C TYR A 170 -13.56 24.53 30.90
N GLY A 171 -12.59 25.40 31.15
CA GLY A 171 -11.16 25.11 30.95
C GLY A 171 -10.46 26.19 30.14
N TYR A 172 -9.47 25.79 29.34
CA TYR A 172 -8.60 26.68 28.55
C TYR A 172 -9.36 27.15 27.30
N ASN A 173 -9.53 28.47 27.12
CA ASN A 173 -9.97 29.05 25.83
C ASN A 173 -8.82 28.97 24.81
N CYS A 174 -7.59 29.03 25.32
CA CYS A 174 -6.39 29.41 24.55
C CYS A 174 -5.39 28.25 24.52
N GLN A 175 -4.88 27.93 23.33
CA GLN A 175 -3.92 26.84 23.09
C GLN A 175 -2.56 27.21 23.73
N ARG A 176 -2.25 28.50 23.84
CA ARG A 176 -0.97 28.98 24.42
C ARG A 176 -1.00 28.83 25.95
N GLN A 177 -2.14 29.11 26.57
CA GLN A 177 -2.36 28.96 28.03
C GLN A 177 -2.10 27.51 28.46
N SER A 178 -2.64 26.53 27.72
CA SER A 178 -2.59 25.09 28.11
C SER A 178 -1.16 24.56 28.08
N HIS A 179 -0.17 25.33 27.61
CA HIS A 179 1.27 24.95 27.63
C HIS A 179 1.77 24.76 29.07
N THR A 180 1.00 25.21 30.07
CA THR A 180 1.21 24.90 31.52
C THR A 180 -0.10 24.35 32.09
N TYR A 181 0.00 23.36 32.98
CA TYR A 181 -1.15 22.67 33.63
C TYR A 181 -1.39 23.30 35.00
N TYR A 182 -0.75 24.44 35.28
CA TYR A 182 -0.95 25.27 36.51
C TYR A 182 -1.19 26.73 36.09
N PRO A 183 -2.24 26.99 35.27
CA PRO A 183 -2.45 28.32 34.71
C PRO A 183 -3.07 29.25 35.74
N PRO A 184 -2.91 30.58 35.56
CA PRO A 184 -3.38 31.54 36.56
C PRO A 184 -4.91 31.62 36.63
N PHE A 185 -5.58 31.17 35.57
CA PHE A 185 -7.05 31.18 35.42
C PHE A 185 -7.50 30.16 34.38
N LEU A 186 -8.78 29.79 34.40
CA LEU A 186 -9.47 29.07 33.29
C LEU A 186 -10.78 29.81 33.01
N TYR A 187 -11.65 29.26 32.16
CA TYR A 187 -12.98 29.84 31.85
C TYR A 187 -14.07 28.93 32.42
N ASN A 188 -15.06 29.51 33.07
CA ASN A 188 -16.38 28.89 33.33
C ASN A 188 -17.38 29.61 32.42
N ASP A 189 -17.74 28.99 31.31
CA ASP A 189 -18.46 29.65 30.19
C ASP A 189 -17.64 30.87 29.78
N GLU A 190 -18.26 32.04 29.77
CA GLU A 190 -17.74 33.27 29.14
C GLU A 190 -16.86 34.04 30.14
N GLU A 191 -16.89 33.64 31.42
CA GLU A 191 -16.20 34.32 32.56
C GLU A 191 -14.91 33.60 32.93
N ARG A 192 -13.89 34.36 33.31
CA ARG A 192 -12.61 33.83 33.87
C ARG A 192 -12.84 33.39 35.32
N VAL A 193 -12.08 32.38 35.77
CA VAL A 193 -12.03 31.92 37.18
C VAL A 193 -10.57 31.83 37.59
N TYR A 194 -10.12 32.75 38.43
CA TYR A 194 -8.69 32.91 38.80
C TYR A 194 -8.34 31.81 39.82
N LEU A 195 -7.15 31.22 39.66
CA LEU A 195 -6.67 30.05 40.44
C LEU A 195 -5.45 30.46 41.27
N SER A 196 -5.20 29.78 42.39
CA SER A 196 -4.04 29.99 43.29
C SER A 196 -2.74 29.52 42.62
N ASN A 197 -2.51 29.94 41.37
CA ASN A 197 -1.29 29.62 40.60
C ASN A 197 -0.67 30.93 40.12
N LYS A 198 0.62 31.14 40.39
CA LYS A 198 1.41 32.29 39.91
C LYS A 198 1.43 32.26 38.38
N VAL A 199 1.27 33.41 37.71
CA VAL A 199 1.34 33.55 36.23
C VAL A 199 2.76 33.15 35.79
N THR A 200 2.87 32.22 34.85
CA THR A 200 4.14 31.68 34.34
C THR A 200 4.16 31.78 32.82
N ASP A 201 5.36 31.84 32.24
CA ASP A 201 5.63 31.61 30.81
C ASP A 201 6.42 30.30 30.70
N PRO A 202 5.77 29.18 30.30
CA PRO A 202 6.42 27.87 30.27
C PRO A 202 7.58 27.76 29.27
N HIS A 203 7.67 28.72 28.33
CA HIS A 203 8.76 28.80 27.33
C HIS A 203 9.94 29.62 27.88
N ARG A 204 9.78 30.26 29.04
CA ARG A 204 10.81 31.14 29.65
C ARG A 204 10.93 30.86 31.15
N SER A 205 10.82 29.60 31.58
CA SER A 205 10.99 29.16 32.99
C SER A 205 12.11 28.13 33.08
N PRO A 206 13.36 28.47 32.71
CA PRO A 206 14.47 27.52 32.78
C PRO A 206 14.76 27.20 34.25
N LEU A 207 15.67 26.26 34.50
CA LEU A 207 16.13 25.93 35.88
C LEU A 207 16.83 27.17 36.46
N ASP A 208 16.66 27.41 37.76
CA ASP A 208 17.42 28.46 38.51
C ASP A 208 18.90 28.31 38.14
N LYS A 209 19.65 29.42 38.10
CA LYS A 209 21.12 29.40 37.84
C LYS A 209 21.78 28.46 38.85
N GLY A 210 22.62 27.54 38.37
CA GLY A 210 23.42 26.62 39.21
C GLY A 210 22.56 25.75 40.10
N ALA A 211 21.40 25.32 39.61
CA ALA A 211 20.59 24.21 40.20
C ALA A 211 21.05 22.90 39.55
N ASP A 212 21.21 21.85 40.36
CA ASP A 212 21.58 20.48 39.93
C ASP A 212 20.46 19.95 39.04
N PRO A 213 20.67 19.78 37.71
CA PRO A 213 19.61 19.31 36.81
C PRO A 213 19.15 17.87 37.11
N ASN A 214 19.88 17.15 37.97
CA ASN A 214 19.62 15.73 38.34
C ASN A 214 18.83 15.64 39.64
N ASP A 215 18.66 16.75 40.37
CA ASP A 215 17.90 16.79 41.66
C ASP A 215 16.44 17.12 41.37
N PRO A 216 15.50 16.20 41.65
CA PRO A 216 14.06 16.49 41.52
C PRO A 216 13.62 17.80 42.17
N ALA A 217 14.29 18.20 43.25
CA ALA A 217 14.03 19.45 44.02
C ALA A 217 14.06 20.66 43.08
N SER A 218 14.96 20.65 42.09
CA SER A 218 15.17 21.76 41.12
C SER A 218 13.97 21.93 40.19
N TYR A 219 13.02 20.98 40.20
CA TYR A 219 11.84 20.94 39.29
C TYR A 219 10.54 21.19 40.07
N ALA A 220 10.60 21.18 41.41
CA ALA A 220 9.47 21.39 42.35
C ALA A 220 8.67 22.64 41.97
N LYS A 221 9.33 23.67 41.44
CA LYS A 221 8.69 24.99 41.12
C LYS A 221 7.71 24.85 39.95
N TYR A 222 7.73 23.73 39.21
CA TYR A 222 6.83 23.48 38.05
C TYR A 222 5.55 22.79 38.52
N THR A 223 5.37 22.62 39.83
CA THR A 223 4.13 22.10 40.46
C THR A 223 3.59 23.17 41.42
N GLN A 224 2.38 23.67 41.16
CA GLN A 224 1.72 24.75 41.95
C GLN A 224 0.52 24.14 42.69
N LYS A 225 -0.51 24.93 43.00
CA LYS A 225 -1.58 24.55 43.97
C LYS A 225 -2.70 23.78 43.25
N GLU A 226 -3.01 24.11 41.99
CA GLU A 226 -4.25 23.62 41.30
C GLU A 226 -3.93 23.15 39.89
N TYR A 227 -3.83 21.82 39.70
CA TYR A 227 -3.61 21.10 38.41
C TYR A 227 -4.91 21.20 37.58
N ALA A 228 -4.83 21.78 36.38
CA ALA A 228 -6.00 22.12 35.53
C ALA A 228 -6.85 20.88 35.22
N ASN A 229 -6.20 19.73 35.02
CA ASN A 229 -6.88 18.48 34.61
C ASN A 229 -7.80 18.00 35.75
N ASP A 230 -7.45 18.32 37.01
CA ASP A 230 -8.30 18.00 38.19
C ASP A 230 -9.60 18.79 38.10
N LEU A 231 -9.49 20.10 37.90
CA LEU A 231 -10.65 21.05 37.86
C LEU A 231 -11.55 20.69 36.67
N ILE A 232 -10.97 20.58 35.47
CA ILE A 232 -11.70 20.26 34.21
C ILE A 232 -12.56 19.02 34.45
N PHE A 233 -12.00 18.03 35.16
CA PHE A 233 -12.65 16.72 35.41
C PHE A 233 -13.81 16.90 36.39
N ASP A 234 -13.55 17.52 37.55
CA ASP A 234 -14.58 17.81 38.60
C ASP A 234 -15.79 18.48 37.95
N GLU A 235 -15.56 19.35 36.96
CA GLU A 235 -16.61 20.16 36.29
C GLU A 235 -17.36 19.29 35.28
N LEU A 236 -16.64 18.48 34.49
CA LEU A 236 -17.23 17.50 33.53
C LEU A 236 -18.13 16.53 34.29
N MET A 237 -17.65 16.04 35.44
CA MET A 237 -18.39 15.08 36.31
C MET A 237 -19.63 15.77 36.91
N GLY A 238 -19.50 17.03 37.33
CA GLY A 238 -20.63 17.87 37.76
C GLY A 238 -21.69 18.02 36.67
N PHE A 239 -21.27 18.23 35.42
CA PHE A 239 -22.15 18.36 34.23
C PHE A 239 -22.94 17.06 34.02
N VAL A 240 -22.31 15.91 34.21
CA VAL A 240 -22.95 14.56 34.07
C VAL A 240 -24.02 14.43 35.16
N ASP A 241 -23.62 14.61 36.42
CA ASP A 241 -24.53 14.54 37.61
C ASP A 241 -25.71 15.51 37.40
N ALA A 242 -25.44 16.67 36.80
CA ALA A 242 -26.43 17.74 36.53
C ALA A 242 -27.44 17.31 35.46
N ASN A 243 -27.03 16.49 34.49
CA ASN A 243 -27.82 16.22 33.25
C ASN A 243 -28.08 14.72 33.08
N LYS A 244 -27.98 13.93 34.16
CA LYS A 244 -28.06 12.45 34.12
C LYS A 244 -29.42 12.01 33.57
N ARG A 245 -30.50 12.71 33.94
CA ARG A 245 -31.90 12.38 33.51
C ARG A 245 -32.27 13.23 32.29
N LYS A 246 -31.29 13.56 31.44
CA LYS A 246 -31.47 14.43 30.24
C LYS A 246 -30.59 13.92 29.11
N PRO A 247 -30.99 14.09 27.83
CA PRO A 247 -30.14 13.75 26.71
C PRO A 247 -29.01 14.78 26.62
N PHE A 248 -27.75 14.35 26.69
CA PHE A 248 -26.58 15.27 26.71
C PHE A 248 -25.51 14.82 25.70
N PHE A 249 -24.95 15.81 24.99
CA PHE A 249 -23.75 15.71 24.11
C PHE A 249 -22.60 16.43 24.82
N LEU A 250 -21.60 15.66 25.27
CA LEU A 250 -20.47 16.15 26.10
C LEU A 250 -19.16 15.88 25.34
N MET A 251 -18.40 16.93 25.01
CA MET A 251 -17.06 16.80 24.41
C MET A 251 -16.00 17.01 25.50
N TRP A 252 -15.12 16.04 25.70
CA TRP A 252 -13.99 16.10 26.67
C TRP A 252 -12.70 16.38 25.88
N THR A 253 -12.48 17.64 25.53
CA THR A 253 -11.30 18.14 24.77
C THR A 253 -10.15 18.36 25.73
N THR A 254 -9.66 17.31 26.39
CA THR A 254 -8.51 17.41 27.31
C THR A 254 -7.30 17.90 26.52
N PRO A 255 -6.47 18.75 27.15
CA PRO A 255 -5.18 19.14 26.59
C PRO A 255 -4.10 18.05 26.72
N LEU A 256 -4.32 17.02 27.53
CA LEU A 256 -3.34 15.91 27.71
C LEU A 256 -3.26 15.08 26.42
N PRO A 257 -2.08 14.49 26.08
CA PRO A 257 -0.81 14.70 26.78
C PRO A 257 0.11 15.72 26.08
N HIS A 258 -0.44 16.87 25.68
CA HIS A 258 0.33 18.00 25.10
C HIS A 258 1.34 18.48 26.15
N VAL A 259 2.58 18.73 25.75
CA VAL A 259 3.64 19.32 26.63
C VAL A 259 3.12 20.69 27.09
N SER A 260 3.50 21.17 28.28
CA SER A 260 4.63 20.73 29.08
C SER A 260 4.37 19.40 29.80
N LEU A 261 5.45 18.77 30.25
CA LEU A 261 5.41 17.49 30.99
C LEU A 261 5.19 17.79 32.47
N GLN A 262 3.93 17.86 32.89
CA GLN A 262 3.52 18.06 34.30
C GLN A 262 2.44 17.02 34.63
N ALA A 263 2.66 16.21 35.67
CA ALA A 263 1.71 15.18 36.13
C ALA A 263 1.88 14.92 37.62
N PRO A 264 0.81 14.47 38.33
CA PRO A 264 0.89 14.15 39.75
C PRO A 264 2.07 13.24 40.08
N GLU A 265 2.73 13.48 41.22
CA GLU A 265 4.00 12.81 41.62
C GLU A 265 3.73 11.30 41.80
N ARG A 266 2.54 10.93 42.29
CA ARG A 266 2.10 9.51 42.41
C ARG A 266 2.35 8.79 41.09
N TRP A 267 1.78 9.31 40.01
CA TRP A 267 1.82 8.68 38.66
C TRP A 267 3.23 8.74 38.07
N VAL A 268 4.01 9.78 38.38
CA VAL A 268 5.41 9.91 37.90
C VAL A 268 6.27 8.81 38.55
N GLN A 269 6.15 8.63 39.87
CA GLN A 269 7.00 7.70 40.65
C GLN A 269 6.67 6.25 40.25
N HIS A 270 5.42 5.98 39.87
CA HIS A 270 4.98 4.69 39.28
C HIS A 270 5.91 4.31 38.13
N TYR A 271 6.20 5.26 37.25
CA TYR A 271 6.94 5.06 35.97
C TYR A 271 8.45 5.27 36.17
N VAL A 272 8.86 5.96 37.25
CA VAL A 272 10.30 6.06 37.62
C VAL A 272 10.74 4.68 38.15
N LYS A 273 9.88 4.02 38.94
CA LYS A 273 10.13 2.65 39.48
C LYS A 273 10.13 1.65 38.31
N LYS A 274 9.24 1.82 37.34
CA LYS A 274 9.09 0.89 36.18
C LYS A 274 10.23 1.10 35.19
N PHE A 275 10.38 2.30 34.63
CA PHE A 275 11.39 2.61 33.56
C PHE A 275 12.79 2.74 34.17
N GLY A 276 12.90 3.01 35.47
CA GLY A 276 14.18 3.30 36.14
C GLY A 276 14.59 4.76 35.93
N ASP A 277 15.88 5.08 36.13
CA ASP A 277 16.44 6.45 36.03
C ASP A 277 16.52 6.83 34.54
N GLU A 278 16.58 8.14 34.24
CA GLU A 278 16.72 8.68 32.85
C GLU A 278 17.34 10.08 32.88
N LYS A 279 17.94 10.48 31.76
CA LYS A 279 18.51 11.84 31.55
C LYS A 279 17.42 12.87 31.76
N PRO A 280 17.68 13.96 32.52
CA PRO A 280 16.70 15.03 32.69
C PRO A 280 16.48 15.77 31.36
N TYR A 281 15.31 16.40 31.21
CA TYR A 281 15.00 17.36 30.13
C TYR A 281 15.11 18.79 30.67
N THR A 282 15.99 19.61 30.07
CA THR A 282 16.34 20.97 30.55
C THR A 282 15.84 22.04 29.57
N GLY A 283 14.80 21.73 28.78
CA GLY A 283 14.06 22.71 27.95
C GLY A 283 14.66 22.93 26.59
N GLN A 284 15.55 22.04 26.12
CA GLN A 284 16.30 22.18 24.83
C GLN A 284 15.33 22.50 23.69
N ALA A 285 14.19 21.79 23.63
CA ALA A 285 13.17 21.89 22.57
C ALA A 285 11.92 22.63 23.09
N GLY A 286 12.09 23.60 23.99
CA GLY A 286 11.01 24.48 24.46
C GLY A 286 10.19 23.82 25.55
N TYR A 287 9.18 24.54 26.04
CA TYR A 287 8.28 24.16 27.17
C TYR A 287 9.14 23.96 28.43
N LEU A 288 8.51 23.52 29.52
CA LEU A 288 9.13 23.44 30.88
C LEU A 288 10.20 22.36 30.90
N PRO A 289 11.28 22.55 31.68
CA PRO A 289 12.15 21.44 32.05
C PRO A 289 11.36 20.35 32.81
N CYS A 290 11.89 19.13 32.80
CA CYS A 290 11.26 17.92 33.42
C CYS A 290 12.36 16.91 33.77
N ARG A 291 12.48 16.55 35.06
CA ARG A 291 13.52 15.63 35.59
C ARG A 291 13.40 14.26 34.92
N TYR A 292 12.19 13.71 34.82
CA TYR A 292 11.91 12.33 34.34
C TYR A 292 10.96 12.38 33.14
N PRO A 293 11.43 12.86 31.96
CA PRO A 293 10.54 13.13 30.83
C PRO A 293 9.73 11.92 30.34
N HIS A 294 10.33 10.73 30.27
CA HIS A 294 9.63 9.48 29.88
C HIS A 294 8.54 9.17 30.92
N ALA A 295 8.95 9.03 32.18
CA ALA A 295 8.06 8.67 33.31
C ALA A 295 6.88 9.65 33.36
N THR A 296 7.11 10.93 33.04
CA THR A 296 6.11 12.01 33.16
C THR A 296 5.13 11.96 31.98
N TYR A 297 5.62 11.72 30.77
CA TYR A 297 4.76 11.56 29.56
C TYR A 297 3.80 10.38 29.78
N ALA A 298 4.29 9.29 30.35
CA ALA A 298 3.50 8.08 30.71
C ALA A 298 2.46 8.46 31.77
N ALA A 299 2.92 9.01 32.90
CA ALA A 299 2.11 9.48 34.05
C ALA A 299 0.91 10.29 33.55
N MET A 300 1.16 11.21 32.62
CA MET A 300 0.13 12.09 32.00
C MET A 300 -0.98 11.23 31.39
N ILE A 301 -0.61 10.24 30.58
CA ILE A 301 -1.58 9.40 29.81
C ILE A 301 -2.31 8.45 30.76
N SER A 302 -1.61 7.87 31.74
CA SER A 302 -2.18 6.96 32.77
C SER A 302 -3.15 7.73 33.70
N TYR A 303 -2.75 8.93 34.12
CA TYR A 303 -3.59 9.87 34.92
C TYR A 303 -4.95 10.03 34.24
N PHE A 304 -4.95 10.33 32.94
CA PHE A 304 -6.18 10.60 32.16
C PHE A 304 -6.98 9.32 31.99
N ASP A 305 -6.28 8.21 31.68
CA ASP A 305 -6.87 6.84 31.65
C ASP A 305 -7.70 6.64 32.92
N GLU A 306 -7.11 6.90 34.09
CA GLU A 306 -7.76 6.70 35.41
C GLU A 306 -9.01 7.59 35.53
N GLN A 307 -8.99 8.79 34.93
CA GLN A 307 -10.17 9.69 34.95
C GLN A 307 -11.30 9.01 34.17
N ILE A 308 -11.00 8.51 32.97
CA ILE A 308 -11.97 7.75 32.12
C ILE A 308 -12.53 6.58 32.94
N GLY A 309 -11.68 5.90 33.72
CA GLY A 309 -12.10 4.84 34.65
C GLY A 309 -13.23 5.29 35.57
N GLN A 310 -13.12 6.49 36.15
CA GLN A 310 -14.10 7.02 37.13
C GLN A 310 -15.38 7.47 36.41
N LEU A 311 -15.25 8.06 35.22
CA LEU A 311 -16.39 8.46 34.37
C LEU A 311 -17.28 7.24 34.14
N ILE A 312 -16.70 6.15 33.63
CA ILE A 312 -17.42 4.88 33.31
C ILE A 312 -18.12 4.39 34.59
N GLU A 313 -17.41 4.33 35.71
CA GLU A 313 -17.97 3.93 37.04
C GLU A 313 -19.23 4.74 37.32
N LYS A 314 -19.22 6.05 37.03
CA LYS A 314 -20.35 6.98 37.33
C LYS A 314 -21.49 6.70 36.36
N LEU A 315 -21.20 6.54 35.07
CA LEU A 315 -22.21 6.19 34.04
C LEU A 315 -22.96 4.92 34.50
N LYS A 316 -22.22 3.88 34.90
CA LYS A 316 -22.79 2.59 35.37
C LYS A 316 -23.66 2.81 36.62
N ALA A 317 -23.10 3.46 37.65
CA ALA A 317 -23.79 3.70 38.95
C ALA A 317 -25.09 4.48 38.73
N GLU A 318 -25.13 5.35 37.70
CA GLU A 318 -26.34 6.13 37.31
C GLU A 318 -27.10 5.44 36.17
N HIS A 319 -26.80 4.17 35.87
CA HIS A 319 -27.45 3.33 34.83
C HIS A 319 -27.54 4.10 33.50
N LEU A 320 -26.41 4.60 32.99
CA LEU A 320 -26.33 5.39 31.72
C LEU A 320 -25.45 4.66 30.69
N TYR A 321 -24.59 3.73 31.10
CA TYR A 321 -23.61 3.05 30.21
C TYR A 321 -24.31 2.50 28.98
N GLU A 322 -25.49 1.89 29.18
CA GLU A 322 -26.31 1.23 28.11
C GLU A 322 -26.86 2.27 27.12
N ASN A 323 -27.14 3.50 27.58
CA ASN A 323 -27.76 4.58 26.76
C ASN A 323 -26.72 5.66 26.39
N THR A 324 -25.42 5.41 26.61
CA THR A 324 -24.34 6.39 26.32
C THR A 324 -23.31 5.77 25.37
N LEU A 325 -23.27 6.30 24.14
CA LEU A 325 -22.20 6.10 23.13
C LEU A 325 -21.01 6.97 23.53
N ILE A 326 -19.78 6.46 23.34
CA ILE A 326 -18.51 7.12 23.74
C ILE A 326 -17.51 6.97 22.58
N VAL A 327 -17.03 8.09 22.03
CA VAL A 327 -15.84 8.13 21.13
C VAL A 327 -14.62 8.50 21.99
N PHE A 328 -13.48 7.88 21.69
CA PHE A 328 -12.14 8.25 22.22
C PHE A 328 -11.16 8.34 21.05
N THR A 329 -10.55 9.50 20.84
CA THR A 329 -9.55 9.71 19.76
C THR A 329 -8.57 10.84 20.17
N SER A 330 -7.69 11.25 19.25
CA SER A 330 -6.64 12.27 19.43
C SER A 330 -6.75 13.29 18.28
N ASP A 331 -6.39 14.57 18.51
CA ASP A 331 -6.62 15.64 17.51
C ASP A 331 -5.56 15.57 16.40
N ASN A 332 -4.39 15.01 16.69
CA ASN A 332 -3.28 14.87 15.71
C ASN A 332 -2.22 13.90 16.24
N GLY A 333 -1.26 13.54 15.40
CA GLY A 333 -0.20 12.57 15.71
C GLY A 333 0.76 13.09 16.78
N PRO A 334 1.72 12.25 17.22
CA PRO A 334 2.57 12.60 18.37
C PRO A 334 3.60 13.66 17.98
N THR A 335 4.22 14.28 18.99
CA THR A 335 5.07 15.49 18.85
C THR A 335 6.56 15.11 18.83
N PHE A 336 7.42 16.12 18.77
CA PHE A 336 8.89 16.00 18.57
C PHE A 336 9.65 16.90 19.56
N ASN A 337 8.94 17.68 20.38
CA ASN A 337 9.51 18.79 21.19
C ASN A 337 9.04 18.65 22.64
N GLY A 338 9.37 19.64 23.50
CA GLY A 338 8.87 19.76 24.89
C GLY A 338 9.35 18.64 25.80
N GLY A 339 10.39 17.89 25.41
CA GLY A 339 10.90 16.75 26.19
C GLY A 339 10.16 15.45 25.89
N SER A 340 9.28 15.46 24.88
CA SER A 340 8.58 14.26 24.36
C SER A 340 9.64 13.31 23.76
N ASP A 341 9.38 12.00 23.75
CA ASP A 341 10.29 11.02 23.12
C ASP A 341 9.43 9.97 22.39
N SER A 342 8.74 10.43 21.35
CA SER A 342 7.78 9.64 20.53
C SER A 342 8.44 8.37 19.99
N PRO A 343 9.70 8.42 19.49
CA PRO A 343 10.39 7.22 19.03
C PRO A 343 10.58 6.16 20.14
N TRP A 344 10.89 6.58 21.36
CA TRP A 344 11.20 5.69 22.53
C TRP A 344 9.94 4.95 22.97
N PHE A 345 8.77 5.57 22.81
CA PHE A 345 7.43 4.99 23.11
C PHE A 345 6.83 4.36 21.85
N ASN A 346 7.43 4.61 20.69
CA ASN A 346 6.89 4.26 19.35
C ASN A 346 5.44 4.78 19.30
N SER A 347 5.29 6.06 19.63
CA SER A 347 3.97 6.74 19.78
C SER A 347 3.21 6.70 18.45
N GLY A 348 3.92 6.63 17.31
CA GLY A 348 3.30 6.54 15.97
C GLY A 348 2.76 5.14 15.66
N GLY A 349 3.07 4.14 16.48
CA GLY A 349 2.60 2.75 16.33
C GLY A 349 3.16 2.11 15.06
N LEU A 350 2.32 2.02 14.03
CA LEU A 350 2.71 1.56 12.67
C LEU A 350 3.68 2.56 12.00
N PHE A 351 3.59 3.85 12.36
CA PHE A 351 4.21 4.98 11.60
C PHE A 351 5.37 5.60 12.39
N ASN A 352 6.31 6.23 11.69
CA ASN A 352 7.43 7.02 12.28
C ASN A 352 6.85 8.24 13.00
N SER A 353 7.57 8.75 14.01
CA SER A 353 7.10 9.84 14.91
C SER A 353 8.19 10.92 15.13
N ALA A 354 9.41 10.73 14.62
CA ALA A 354 10.46 11.76 14.59
C ALA A 354 9.93 12.98 13.82
N TYR A 355 10.46 14.17 14.10
CA TYR A 355 10.11 15.43 13.37
C TYR A 355 10.10 15.15 11.86
N GLY A 356 9.00 15.53 11.20
CA GLY A 356 8.79 15.33 9.75
C GLY A 356 7.71 14.29 9.48
N TRP A 357 7.51 13.34 10.39
CA TRP A 357 6.66 12.13 10.22
C TRP A 357 5.38 12.19 11.08
N GLY A 358 5.31 13.08 12.07
CA GLY A 358 4.21 13.11 13.06
C GLY A 358 3.43 14.41 13.00
N LYS A 359 3.09 14.95 14.16
CA LYS A 359 2.49 16.31 14.34
C LYS A 359 3.14 17.32 13.39
N CYS A 360 2.33 18.13 12.71
CA CYS A 360 2.71 19.24 11.79
C CYS A 360 2.87 18.78 10.33
N PHE A 361 2.79 17.48 10.06
CA PHE A 361 3.00 16.90 8.71
C PHE A 361 1.87 15.94 8.34
N LEU A 362 1.64 15.77 7.04
CA LEU A 362 0.53 14.96 6.48
C LEU A 362 0.94 13.50 6.22
N HIS A 363 2.13 13.07 6.68
CA HIS A 363 2.48 11.63 6.79
C HIS A 363 1.44 10.98 7.71
N GLU A 364 1.17 9.69 7.51
CA GLU A 364 0.19 8.90 8.30
C GLU A 364 0.43 9.17 9.79
N GLY A 365 1.70 9.18 10.21
CA GLY A 365 2.10 9.36 11.62
C GLY A 365 1.46 10.59 12.25
N GLY A 366 1.15 11.61 11.44
CA GLY A 366 0.65 12.92 11.89
C GLY A 366 -0.87 13.06 11.79
N ILE A 367 -1.52 12.42 10.81
CA ILE A 367 -2.98 12.63 10.55
C ILE A 367 -3.80 11.40 10.95
N ARG A 368 -3.23 10.19 11.02
CA ARG A 368 -4.00 9.01 11.47
C ARG A 368 -3.90 8.88 12.99
N VAL A 369 -5.06 8.77 13.64
CA VAL A 369 -5.21 8.86 15.11
C VAL A 369 -6.01 7.65 15.59
N PRO A 370 -5.68 7.11 16.77
CA PRO A 370 -6.34 5.92 17.29
C PRO A 370 -7.79 6.34 17.62
N ALA A 371 -8.74 5.44 17.37
CA ALA A 371 -10.19 5.69 17.54
C ALA A 371 -10.85 4.44 18.13
N ILE A 372 -11.63 4.63 19.19
CA ILE A 372 -12.47 3.61 19.87
C ILE A 372 -13.88 4.18 20.00
N ILE A 373 -14.91 3.41 19.70
CA ILE A 373 -16.33 3.78 19.99
C ILE A 373 -16.97 2.63 20.76
N THR A 374 -17.67 2.94 21.86
CA THR A 374 -18.53 1.98 22.60
C THR A 374 -19.96 2.51 22.61
N TRP A 375 -20.91 1.61 22.39
CA TRP A 375 -22.36 1.78 22.67
C TRP A 375 -22.88 0.41 23.08
N PRO A 376 -22.78 0.05 24.39
CA PRO A 376 -23.10 -1.29 24.86
C PRO A 376 -24.48 -1.80 24.39
N GLY A 377 -24.50 -2.99 23.80
CA GLY A 377 -25.73 -3.67 23.33
C GLY A 377 -26.14 -3.21 21.94
N LYS A 378 -25.36 -2.32 21.31
CA LYS A 378 -25.63 -1.74 19.97
C LYS A 378 -24.40 -1.93 19.08
N ILE A 379 -23.24 -1.48 19.57
CA ILE A 379 -21.90 -1.81 18.99
C ILE A 379 -21.48 -3.18 19.54
N LYS A 380 -20.78 -3.99 18.74
CA LYS A 380 -20.32 -5.34 19.14
C LYS A 380 -18.94 -5.24 19.79
N PRO A 381 -18.73 -5.83 20.99
CA PRO A 381 -17.48 -5.67 21.73
C PRO A 381 -16.33 -6.42 21.05
N GLY A 382 -15.10 -5.96 21.24
CA GLY A 382 -13.87 -6.64 20.78
C GLY A 382 -13.72 -6.65 19.28
N THR A 383 -14.51 -5.85 18.55
CA THR A 383 -14.53 -5.77 17.06
C THR A 383 -13.62 -4.64 16.56
N GLN A 384 -13.39 -4.61 15.25
CA GLN A 384 -12.45 -3.71 14.55
C GLN A 384 -12.99 -3.45 13.13
N SER A 385 -12.99 -2.20 12.68
CA SER A 385 -13.29 -1.81 11.28
C SER A 385 -12.11 -1.03 10.71
N ASP A 386 -11.69 -1.34 9.48
CA ASP A 386 -10.62 -0.61 8.76
C ASP A 386 -11.25 0.40 7.79
N HIS A 387 -12.54 0.74 7.97
CA HIS A 387 -13.22 1.79 7.19
C HIS A 387 -12.39 3.08 7.26
N ILE A 388 -12.12 3.68 6.09
CA ILE A 388 -11.44 4.98 5.93
C ILE A 388 -12.46 6.06 6.27
N CYS A 389 -12.30 6.73 7.41
CA CYS A 389 -13.17 7.84 7.87
C CYS A 389 -12.33 8.93 8.55
N ALA A 390 -12.93 10.08 8.82
CA ALA A 390 -12.22 11.27 9.36
C ALA A 390 -13.18 12.19 10.11
N PHE A 391 -12.63 13.21 10.77
CA PHE A 391 -13.37 14.12 11.71
C PHE A 391 -14.58 14.74 11.01
N GLN A 392 -14.48 15.00 9.70
CA GLN A 392 -15.60 15.49 8.85
C GLN A 392 -16.84 14.63 9.07
N ASP A 393 -16.64 13.31 9.15
CA ASP A 393 -17.70 12.28 9.16
C ASP A 393 -18.44 12.30 10.52
N VAL A 394 -17.85 12.90 11.55
CA VAL A 394 -18.43 12.87 12.94
C VAL A 394 -19.77 13.62 12.94
N MET A 395 -19.89 14.72 12.20
CA MET A 395 -21.16 15.49 12.10
C MET A 395 -22.28 14.59 11.57
N PRO A 396 -22.21 14.04 10.32
CA PRO A 396 -23.30 13.23 9.80
C PRO A 396 -23.57 11.93 10.57
N THR A 397 -22.52 11.35 11.17
CA THR A 397 -22.62 10.17 12.08
C THR A 397 -23.55 10.50 13.26
N LEU A 398 -23.38 11.68 13.87
CA LEU A 398 -24.21 12.19 15.00
C LEU A 398 -25.62 12.55 14.50
N ALA A 399 -25.75 13.11 13.29
CA ALA A 399 -27.04 13.52 12.68
C ALA A 399 -27.89 12.28 12.41
N GLU A 400 -27.27 11.21 11.89
CA GLU A 400 -27.95 9.91 11.64
C GLU A 400 -28.31 9.29 12.99
N LEU A 401 -27.37 9.29 13.95
CA LEU A 401 -27.52 8.70 15.30
C LEU A 401 -28.65 9.39 16.08
N ALA A 402 -28.89 10.68 15.84
CA ALA A 402 -29.88 11.52 16.57
C ALA A 402 -31.20 11.59 15.80
N GLY A 403 -31.25 11.01 14.60
CA GLY A 403 -32.43 10.98 13.71
C GLY A 403 -32.82 12.37 13.25
N ILE A 404 -31.87 13.13 12.68
CA ILE A 404 -32.03 14.57 12.31
C ILE A 404 -31.43 14.81 10.92
N THR A 405 -32.07 15.67 10.13
CA THR A 405 -31.55 16.05 8.78
C THR A 405 -30.19 16.73 8.99
N CYS A 406 -29.16 16.16 8.36
CA CYS A 406 -27.75 16.59 8.48
C CYS A 406 -27.57 17.94 7.79
N PRO A 407 -26.89 18.93 8.42
CA PRO A 407 -26.53 20.16 7.73
C PRO A 407 -25.59 19.87 6.57
N PRO A 408 -25.29 20.85 5.68
CA PRO A 408 -24.28 20.66 4.65
C PRO A 408 -22.98 20.16 5.31
N THR A 409 -22.23 19.32 4.62
CA THR A 409 -21.05 18.63 5.20
C THR A 409 -20.19 18.04 4.08
N ASP A 410 -18.89 17.85 4.37
CA ASP A 410 -17.95 17.04 3.56
C ASP A 410 -17.87 15.62 4.16
N GLY A 411 -18.65 15.35 5.21
CA GLY A 411 -18.62 14.07 5.95
C GLY A 411 -19.48 13.01 5.29
N ILE A 412 -19.15 11.74 5.54
CA ILE A 412 -20.01 10.55 5.27
C ILE A 412 -20.17 9.76 6.57
N SER A 413 -21.40 9.71 7.10
CA SER A 413 -21.79 8.95 8.31
C SER A 413 -21.08 7.58 8.31
N PHE A 414 -20.48 7.20 9.43
CA PHE A 414 -19.86 5.86 9.63
C PHE A 414 -20.65 5.10 10.70
N LEU A 415 -21.87 5.54 10.99
CA LEU A 415 -22.82 4.81 11.90
C LEU A 415 -23.08 3.41 11.36
N PRO A 416 -23.28 3.19 10.03
CA PRO A 416 -23.46 1.84 9.49
C PRO A 416 -22.33 0.88 9.90
N THR A 417 -21.08 1.33 9.87
CA THR A 417 -19.88 0.56 10.29
C THR A 417 -19.98 0.23 11.80
N LEU A 418 -20.38 1.20 12.62
CA LEU A 418 -20.51 1.05 14.08
C LEU A 418 -21.51 -0.06 14.42
N LEU A 419 -22.57 -0.21 13.61
CA LEU A 419 -23.73 -1.11 13.90
C LEU A 419 -23.59 -2.45 13.14
N GLY A 420 -22.42 -2.72 12.55
CA GLY A 420 -22.08 -4.01 11.92
C GLY A 420 -22.64 -4.15 10.51
N LYS A 421 -23.43 -3.18 10.00
CA LYS A 421 -24.07 -3.31 8.66
C LYS A 421 -23.22 -2.56 7.61
N LYS A 422 -22.03 -3.13 7.36
CA LYS A 422 -21.07 -2.79 6.27
C LYS A 422 -21.79 -2.62 4.93
N GLY A 423 -22.82 -3.44 4.66
CA GLY A 423 -23.66 -3.41 3.44
C GLY A 423 -24.16 -2.03 3.07
N LYS A 424 -24.39 -1.15 4.05
CA LYS A 424 -24.98 0.21 3.84
C LYS A 424 -23.99 1.31 4.27
N GLN A 425 -22.68 1.01 4.24
CA GLN A 425 -21.59 1.96 4.59
C GLN A 425 -21.09 2.63 3.31
N LYS A 426 -21.48 3.89 3.06
CA LYS A 426 -20.93 4.69 1.93
C LYS A 426 -19.43 4.87 2.17
N GLU A 427 -18.65 4.92 1.09
CA GLU A 427 -17.17 5.11 1.13
C GLU A 427 -16.83 6.46 0.48
N HIS A 428 -15.77 7.13 0.96
CA HIS A 428 -15.20 8.32 0.30
C HIS A 428 -14.51 7.88 -0.99
N THR A 429 -14.73 8.60 -2.09
CA THR A 429 -13.92 8.51 -3.33
C THR A 429 -12.44 8.68 -2.95
N TYR A 430 -12.16 9.68 -2.12
CA TYR A 430 -10.80 10.06 -1.63
C TYR A 430 -10.94 10.95 -0.38
N LEU A 431 -9.87 11.07 0.39
CA LEU A 431 -9.75 12.08 1.47
C LEU A 431 -8.70 13.12 1.05
N TYR A 432 -8.96 14.39 1.34
CA TYR A 432 -8.04 15.53 1.12
C TYR A 432 -7.63 16.10 2.49
N TRP A 433 -6.37 16.54 2.59
CA TRP A 433 -5.84 17.36 3.71
C TRP A 433 -5.00 18.49 3.12
N GLU A 434 -5.10 19.69 3.72
CA GLU A 434 -4.06 20.74 3.57
C GLU A 434 -3.78 21.36 4.94
N TYR A 435 -2.50 21.55 5.22
CA TYR A 435 -1.96 22.33 6.37
C TYR A 435 -1.10 23.44 5.75
N PRO A 436 -1.71 24.60 5.45
CA PRO A 436 -0.99 25.71 4.83
C PRO A 436 -0.27 26.58 5.86
N ASP A 437 0.54 25.95 6.73
CA ASP A 437 1.34 26.63 7.76
C ASP A 437 2.25 27.63 7.05
N PRO A 438 2.74 28.67 7.77
CA PRO A 438 3.54 29.72 7.13
C PRO A 438 4.92 29.26 6.65
N ARG A 439 5.53 28.27 7.31
CA ARG A 439 6.94 27.83 7.11
C ARG A 439 7.06 26.82 5.96
N ILE A 440 6.22 25.78 5.94
CA ILE A 440 6.43 24.55 5.11
C ILE A 440 5.35 24.43 4.04
N GLY A 441 4.08 24.26 4.44
CA GLY A 441 2.94 24.10 3.52
C GLY A 441 2.82 22.67 3.03
N ASN A 442 1.65 22.06 3.25
CA ASN A 442 1.39 20.61 3.01
C ASN A 442 0.00 20.42 2.40
N LYS A 443 -0.08 19.62 1.34
CA LYS A 443 -1.33 19.03 0.79
C LYS A 443 -1.14 17.51 0.66
N ALA A 444 -2.21 16.74 0.82
CA ALA A 444 -2.18 15.26 0.73
C ALA A 444 -3.54 14.70 0.31
N ILE A 445 -3.51 13.61 -0.46
CA ILE A 445 -4.68 12.80 -0.90
C ILE A 445 -4.46 11.37 -0.44
N ARG A 446 -5.48 10.74 0.16
CA ARG A 446 -5.57 9.26 0.21
C ARG A 446 -6.70 8.80 -0.71
N MET A 447 -6.44 7.77 -1.52
CA MET A 447 -7.45 7.10 -2.38
C MET A 447 -7.08 5.62 -2.47
N GLY A 448 -7.81 4.77 -1.74
CA GLY A 448 -7.44 3.37 -1.49
C GLY A 448 -6.09 3.29 -0.82
N LYS A 449 -5.21 2.41 -1.33
CA LYS A 449 -3.83 2.17 -0.84
C LYS A 449 -2.91 3.35 -1.19
N TRP A 450 -3.33 4.23 -2.11
CA TRP A 450 -2.48 5.29 -2.69
C TRP A 450 -2.58 6.58 -1.85
N LYS A 451 -1.42 7.08 -1.42
CA LYS A 451 -1.25 8.23 -0.50
C LYS A 451 -0.24 9.18 -1.14
N GLY A 452 -0.70 10.33 -1.62
CA GLY A 452 0.17 11.37 -2.19
C GLY A 452 0.35 12.51 -1.21
N ILE A 453 1.58 13.04 -1.08
CA ILE A 453 1.91 14.25 -0.27
C ILE A 453 2.68 15.24 -1.14
N ILE A 454 2.32 16.53 -1.07
CA ILE A 454 3.17 17.69 -1.48
C ILE A 454 3.50 18.49 -0.22
N THR A 455 4.79 18.50 0.19
CA THR A 455 5.33 19.28 1.33
C THR A 455 6.28 20.35 0.77
N ASP A 456 6.83 21.19 1.66
CA ASP A 456 7.78 22.29 1.31
C ASP A 456 7.15 23.19 0.24
N ILE A 457 5.83 23.42 0.29
CA ILE A 457 5.07 24.19 -0.74
C ILE A 457 5.50 25.65 -0.68
N ARG A 458 5.74 26.17 0.54
CA ARG A 458 6.21 27.56 0.81
C ARG A 458 7.56 27.80 0.15
N LYS A 459 8.44 26.80 0.13
CA LYS A 459 9.77 26.85 -0.55
C LYS A 459 9.61 26.68 -2.08
N GLY A 460 8.38 26.58 -2.58
CA GLY A 460 8.05 26.62 -4.02
C GLY A 460 8.08 25.25 -4.67
N ASN A 461 8.07 24.17 -3.89
CA ASN A 461 8.04 22.76 -4.39
C ASN A 461 6.60 22.42 -4.82
N THR A 462 6.43 21.82 -5.99
CA THR A 462 5.14 21.31 -6.52
C THR A 462 5.19 19.79 -6.75
N GLN A 463 6.33 19.16 -6.43
CA GLN A 463 6.64 17.73 -6.70
C GLN A 463 5.90 16.86 -5.67
N MET A 464 5.12 15.90 -6.14
CA MET A 464 4.35 14.99 -5.25
C MET A 464 5.19 13.76 -4.90
N GLN A 465 5.08 13.30 -3.66
CA GLN A 465 5.56 11.97 -3.21
C GLN A 465 4.35 11.04 -3.14
N LEU A 466 4.49 9.83 -3.70
CA LEU A 466 3.40 8.82 -3.77
C LEU A 466 3.84 7.58 -3.00
N TYR A 467 3.01 7.12 -2.06
CA TYR A 467 3.29 5.93 -1.23
C TYR A 467 2.15 4.92 -1.42
N ASN A 468 2.52 3.64 -1.45
CA ASN A 468 1.58 2.50 -1.41
C ASN A 468 1.45 2.06 0.06
N LEU A 469 0.34 2.38 0.71
CA LEU A 469 0.17 2.13 2.17
C LEU A 469 0.02 0.63 2.44
N GLU A 470 -0.33 -0.13 1.40
CA GLU A 470 -0.52 -1.60 1.49
C GLU A 470 0.85 -2.29 1.56
N THR A 471 1.86 -1.84 0.82
CA THR A 471 3.24 -2.42 0.79
C THR A 471 4.25 -1.57 1.56
N ASP A 472 3.85 -0.39 2.04
CA ASP A 472 4.79 0.65 2.55
C ASP A 472 4.04 1.56 3.51
N ILE A 473 3.64 1.01 4.66
CA ILE A 473 2.79 1.69 5.68
C ILE A 473 3.54 2.90 6.26
N ARG A 474 4.88 2.85 6.30
CA ARG A 474 5.75 3.88 6.92
C ARG A 474 6.11 4.97 5.90
N GLU A 475 5.65 4.85 4.66
CA GLU A 475 5.82 5.87 3.58
C GLU A 475 7.31 6.22 3.42
N GLU A 476 8.15 5.19 3.32
CA GLU A 476 9.63 5.32 3.26
C GLU A 476 10.15 5.11 1.82
N HIS A 477 9.25 4.87 0.87
CA HIS A 477 9.59 4.44 -0.52
C HIS A 477 8.66 5.14 -1.51
N ASP A 478 9.03 6.37 -1.91
CA ASP A 478 8.36 7.19 -2.94
C ASP A 478 8.35 6.40 -4.25
N VAL A 479 7.18 6.30 -4.89
CA VAL A 479 7.00 5.57 -6.18
C VAL A 479 6.19 6.45 -7.14
N ALA A 480 6.33 7.77 -7.04
CA ALA A 480 5.59 8.74 -7.87
C ALA A 480 6.05 8.66 -9.34
N ALA A 481 7.32 8.39 -9.58
CA ALA A 481 7.89 8.30 -10.94
C ALA A 481 7.30 7.08 -11.67
N GLN A 482 6.84 6.08 -10.90
CA GLN A 482 6.34 4.77 -11.40
C GLN A 482 4.83 4.81 -11.63
N HIS A 483 4.15 5.90 -11.25
CA HIS A 483 2.69 6.09 -11.40
C HIS A 483 2.37 7.53 -11.78
N PRO A 484 2.91 8.03 -12.91
CA PRO A 484 2.63 9.39 -13.38
C PRO A 484 1.11 9.62 -13.58
N ASP A 485 0.37 8.56 -13.90
CA ASP A 485 -1.09 8.59 -14.11
C ASP A 485 -1.80 8.90 -12.78
N ILE A 486 -1.36 8.32 -11.66
CA ILE A 486 -1.98 8.50 -10.32
C ILE A 486 -1.65 9.89 -9.77
N VAL A 487 -0.39 10.33 -9.93
CA VAL A 487 0.08 11.69 -9.51
C VAL A 487 -0.84 12.72 -10.16
N LYS A 488 -1.07 12.60 -11.47
CA LYS A 488 -1.91 13.56 -12.24
C LYS A 488 -3.35 13.53 -11.72
N ARG A 489 -3.99 12.35 -11.59
CA ARG A 489 -5.35 12.23 -11.01
C ARG A 489 -5.37 12.99 -9.67
N PHE A 490 -4.36 12.78 -8.83
CA PHE A 490 -4.25 13.37 -7.46
C PHE A 490 -4.08 14.89 -7.55
N GLU A 491 -3.26 15.38 -8.49
CA GLU A 491 -3.02 16.83 -8.72
C GLU A 491 -4.36 17.51 -9.00
N ARG A 492 -5.19 16.91 -9.86
CA ARG A 492 -6.51 17.47 -10.25
C ARG A 492 -7.47 17.40 -9.06
N LEU A 493 -7.44 16.30 -8.30
CA LEU A 493 -8.36 16.11 -7.13
C LEU A 493 -8.04 17.14 -6.04
N MET A 494 -6.78 17.52 -5.91
CA MET A 494 -6.31 18.55 -4.94
C MET A 494 -6.90 19.91 -5.31
N LYS A 495 -7.01 20.23 -6.60
CA LYS A 495 -7.62 21.50 -7.10
C LYS A 495 -9.12 21.49 -6.81
N GLU A 496 -9.81 20.39 -7.13
CA GLU A 496 -11.28 20.24 -6.97
C GLU A 496 -11.66 20.27 -5.48
N ALA A 497 -10.86 19.63 -4.63
CA ALA A 497 -11.17 19.41 -3.20
C ALA A 497 -11.26 20.75 -2.44
N ARG A 498 -10.50 21.78 -2.85
CA ARG A 498 -10.16 22.94 -1.98
C ARG A 498 -10.93 24.21 -2.37
N ASN A 499 -11.09 25.10 -1.39
CA ASN A 499 -11.71 26.46 -1.43
C ASN A 499 -10.63 27.52 -1.27
N GLY A 500 -11.01 28.80 -1.33
CA GLY A 500 -10.22 29.94 -0.81
C GLY A 500 -8.92 30.16 -1.58
N PRO A 501 -8.05 31.09 -1.12
CA PRO A 501 -6.81 31.39 -1.84
C PRO A 501 -5.89 30.16 -1.79
N ASP A 502 -5.21 29.84 -2.89
CA ASP A 502 -4.22 28.73 -2.94
C ASP A 502 -2.95 29.21 -2.23
N PHE A 503 -1.97 28.33 -2.06
CA PHE A 503 -0.65 28.67 -1.47
C PHE A 503 0.45 27.96 -2.28
N SER B 29 31.23 -7.61 -10.36
CA SER B 29 30.23 -8.23 -11.27
C SER B 29 29.27 -9.13 -10.50
N PRO B 30 27.93 -8.88 -10.55
CA PRO B 30 26.99 -9.43 -9.58
C PRO B 30 26.29 -10.75 -9.95
N ASN B 31 25.59 -11.33 -8.96
CA ASN B 31 24.58 -12.41 -9.17
C ASN B 31 23.44 -11.85 -10.01
N VAL B 32 22.74 -12.72 -10.74
CA VAL B 32 21.51 -12.39 -11.52
C VAL B 32 20.44 -13.43 -11.18
N ILE B 33 19.24 -12.98 -10.86
CA ILE B 33 18.04 -13.85 -10.74
C ILE B 33 17.01 -13.34 -11.76
N TYR B 34 16.79 -14.08 -12.83
CA TYR B 34 15.82 -13.72 -13.90
C TYR B 34 14.53 -14.49 -13.66
N ILE B 35 13.56 -13.85 -13.01
CA ILE B 35 12.23 -14.46 -12.71
C ILE B 35 11.33 -14.23 -13.92
N LEU B 36 10.89 -15.31 -14.57
CA LEU B 36 9.98 -15.27 -15.74
C LEU B 36 8.71 -16.02 -15.38
N MET B 37 7.58 -15.32 -15.28
CA MET B 37 6.25 -15.94 -15.07
C MET B 37 5.67 -16.26 -16.45
N ASP B 38 4.50 -16.91 -16.47
CA ASP B 38 3.95 -17.59 -17.67
C ASP B 38 2.46 -17.24 -17.79
N ASP B 39 2.13 -16.39 -18.77
CA ASP B 39 0.75 -15.90 -19.09
C ASP B 39 0.28 -14.87 -18.05
N LEU B 40 1.22 -14.27 -17.32
CA LEU B 40 0.98 -13.10 -16.42
C LEU B 40 0.91 -11.83 -17.26
N GLY B 41 -0.23 -11.14 -17.24
CA GLY B 41 -0.49 -9.97 -18.10
C GLY B 41 0.18 -8.70 -17.59
N TYR B 42 0.22 -7.67 -18.45
CA TYR B 42 0.80 -6.33 -18.14
C TYR B 42 0.27 -5.82 -16.79
N GLY B 43 -1.05 -5.92 -16.56
CA GLY B 43 -1.74 -5.37 -15.37
C GLY B 43 -2.18 -6.43 -14.37
N ASP B 44 -1.42 -7.51 -14.21
CA ASP B 44 -1.71 -8.60 -13.23
C ASP B 44 -0.91 -8.40 -11.94
N ILE B 45 -0.06 -7.36 -11.86
CA ILE B 45 0.73 -7.01 -10.65
C ILE B 45 0.42 -5.57 -10.22
N GLY B 46 0.27 -5.35 -8.91
CA GLY B 46 -0.19 -4.09 -8.28
C GLY B 46 0.46 -2.85 -8.86
N CYS B 47 1.77 -2.90 -9.16
CA CYS B 47 2.55 -1.72 -9.61
C CYS B 47 2.33 -1.45 -11.11
N PHE B 48 1.53 -2.28 -11.81
CA PHE B 48 1.06 -1.99 -13.19
C PHE B 48 -0.48 -1.91 -13.21
N GLY B 49 -1.08 -1.64 -12.05
CA GLY B 49 -2.46 -1.14 -11.94
C GLY B 49 -3.43 -2.15 -11.36
N GLN B 50 -2.96 -3.33 -10.97
CA GLN B 50 -3.82 -4.48 -10.55
C GLN B 50 -4.53 -4.12 -9.24
N ASP B 51 -5.86 -4.14 -9.26
CA ASP B 51 -6.77 -3.74 -8.15
C ASP B 51 -7.06 -4.91 -7.21
N LYS B 52 -7.18 -6.14 -7.75
CA LYS B 52 -7.83 -7.28 -7.05
C LYS B 52 -6.78 -8.25 -6.49
N ILE B 53 -5.75 -8.58 -7.27
CA ILE B 53 -4.70 -9.56 -6.90
C ILE B 53 -3.61 -8.85 -6.09
N GLU B 54 -3.37 -9.32 -4.87
CA GLU B 54 -2.35 -8.74 -3.95
C GLU B 54 -0.98 -9.28 -4.34
N THR B 55 -0.05 -8.39 -4.72
CA THR B 55 1.35 -8.72 -5.09
C THR B 55 2.32 -7.89 -4.23
N PRO B 56 2.18 -7.92 -2.88
CA PRO B 56 2.99 -7.09 -2.01
C PRO B 56 4.50 -7.15 -2.32
N HIS B 57 5.08 -8.35 -2.31
CA HIS B 57 6.54 -8.56 -2.44
C HIS B 57 7.02 -8.12 -3.83
N ILE B 58 6.17 -8.27 -4.83
CA ILE B 58 6.44 -7.85 -6.24
C ILE B 58 6.43 -6.31 -6.31
N ASP B 59 5.47 -5.67 -5.65
CA ASP B 59 5.33 -4.18 -5.61
C ASP B 59 6.50 -3.58 -4.82
N ARG B 60 6.85 -4.18 -3.68
CA ARG B 60 8.01 -3.81 -2.83
C ARG B 60 9.29 -3.82 -3.67
N LEU B 61 9.42 -4.83 -4.54
CA LEU B 61 10.56 -5.02 -5.47
C LEU B 61 10.61 -3.86 -6.47
N CYS B 62 9.46 -3.52 -7.05
CA CYS B 62 9.25 -2.39 -8.00
C CYS B 62 9.72 -1.09 -7.34
N SER B 63 9.25 -0.84 -6.11
CA SER B 63 9.53 0.37 -5.32
C SER B 63 11.04 0.51 -5.06
N GLU B 64 11.79 -0.60 -5.15
CA GLU B 64 13.25 -0.65 -4.86
C GLU B 64 14.08 -0.75 -6.15
N GLY B 65 13.47 -0.49 -7.32
CA GLY B 65 14.19 -0.56 -8.60
C GLY B 65 13.50 0.22 -9.70
N ILE B 66 13.85 -0.08 -10.95
CA ILE B 66 13.32 0.59 -12.17
C ILE B 66 12.17 -0.26 -12.73
N LYS B 67 11.03 0.39 -13.03
CA LYS B 67 9.87 -0.22 -13.72
C LYS B 67 9.98 0.09 -15.22
N LEU B 68 10.03 -0.92 -16.09
CA LEU B 68 10.08 -0.73 -17.57
C LEU B 68 8.66 -0.87 -18.12
N THR B 69 8.21 0.13 -18.90
CA THR B 69 6.79 0.27 -19.32
C THR B 69 6.62 -0.10 -20.81
N GLN B 70 7.72 -0.24 -21.55
CA GLN B 70 7.66 -0.67 -22.98
C GLN B 70 8.63 -1.85 -23.19
N HIS B 71 8.47 -2.90 -22.39
CA HIS B 71 9.28 -4.15 -22.46
C HIS B 71 8.47 -5.27 -23.11
N TYR B 72 8.97 -5.78 -24.24
CA TYR B 72 8.28 -6.78 -25.10
C TYR B 72 8.92 -8.16 -24.94
N SER B 73 8.12 -9.21 -25.09
CA SER B 73 8.57 -10.62 -25.22
C SER B 73 9.09 -10.87 -26.64
N GLY B 74 9.62 -12.07 -26.90
CA GLY B 74 9.98 -12.51 -28.26
C GLY B 74 8.76 -12.94 -29.06
N SER B 75 7.68 -13.31 -28.36
CA SER B 75 6.53 -14.04 -28.94
C SER B 75 5.35 -14.00 -27.99
N PRO B 76 4.11 -14.02 -28.51
CA PRO B 76 2.91 -14.10 -27.66
C PRO B 76 2.58 -15.50 -27.13
N VAL B 77 3.47 -16.50 -27.36
CA VAL B 77 3.37 -17.86 -26.73
C VAL B 77 4.77 -18.32 -26.30
N SER B 78 4.83 -19.40 -25.52
CA SER B 78 5.91 -19.71 -24.55
C SER B 78 7.24 -20.03 -25.22
N ALA B 79 7.27 -21.01 -26.13
CA ALA B 79 8.52 -21.62 -26.65
C ALA B 79 9.31 -20.59 -27.45
N PRO B 80 8.73 -19.87 -28.43
CA PRO B 80 9.47 -18.84 -29.15
C PRO B 80 9.88 -17.69 -28.22
N ALA B 81 9.03 -17.32 -27.26
CA ALA B 81 9.37 -16.29 -26.24
C ALA B 81 10.69 -16.68 -25.58
N ARG B 82 10.74 -17.90 -25.07
CA ARG B 82 11.89 -18.41 -24.28
C ARG B 82 13.08 -18.64 -25.22
N CYS B 83 12.84 -18.97 -26.49
CA CYS B 83 13.89 -19.13 -27.54
C CYS B 83 14.60 -17.78 -27.73
N VAL B 84 13.82 -16.72 -27.93
CA VAL B 84 14.31 -15.32 -28.10
C VAL B 84 15.10 -14.89 -26.85
N LEU B 85 14.52 -15.09 -25.66
CA LEU B 85 15.15 -14.76 -24.35
C LEU B 85 16.53 -15.43 -24.25
N MET B 86 16.60 -16.72 -24.58
CA MET B 86 17.80 -17.57 -24.36
C MET B 86 18.86 -17.27 -25.42
N THR B 87 18.46 -17.22 -26.69
CA THR B 87 19.36 -17.19 -27.86
C THR B 87 19.84 -15.78 -28.16
N GLY B 88 19.11 -14.74 -27.72
CA GLY B 88 19.42 -13.33 -28.01
C GLY B 88 19.16 -12.96 -29.47
N MET B 89 18.34 -13.76 -30.16
CA MET B 89 17.86 -13.51 -31.55
C MET B 89 16.36 -13.25 -31.50
N HIS B 90 15.84 -12.38 -32.37
CA HIS B 90 14.40 -12.00 -32.41
C HIS B 90 13.63 -13.05 -33.22
N SER B 91 12.30 -13.02 -33.11
CA SER B 91 11.37 -14.07 -33.60
C SER B 91 11.47 -14.24 -35.12
N GLY B 92 12.00 -13.26 -35.84
CA GLY B 92 12.23 -13.33 -37.28
C GLY B 92 13.52 -14.06 -37.63
N HIS B 93 14.42 -14.28 -36.67
CA HIS B 93 15.74 -14.94 -36.88
C HIS B 93 15.88 -16.24 -36.06
N ALA B 94 14.95 -16.53 -35.14
CA ALA B 94 15.11 -17.50 -34.04
C ALA B 94 14.96 -18.93 -34.55
N GLN B 95 15.48 -19.90 -33.81
CA GLN B 95 15.42 -21.36 -34.13
C GLN B 95 13.97 -21.86 -33.98
N ILE B 96 13.26 -21.37 -32.97
CA ILE B 96 11.89 -21.84 -32.58
C ILE B 96 10.94 -20.64 -32.63
N ARG B 97 9.89 -20.72 -33.43
CA ARG B 97 9.00 -19.57 -33.74
C ARG B 97 7.54 -19.91 -33.43
N PHE B 98 7.25 -21.09 -32.88
CA PHE B 98 5.89 -21.53 -32.47
C PHE B 98 6.02 -22.71 -31.51
N ASN B 99 4.92 -23.05 -30.82
CA ASN B 99 4.87 -24.22 -29.90
C ASN B 99 4.73 -25.49 -30.76
N ASN B 100 5.83 -26.25 -30.87
CA ASN B 100 5.95 -27.43 -31.78
C ASN B 100 6.10 -28.70 -30.93
N GLU B 101 5.05 -29.54 -30.92
CA GLU B 101 4.95 -30.74 -30.05
C GLU B 101 5.56 -31.97 -30.73
N LEU B 102 6.01 -31.86 -31.99
CA LEU B 102 6.59 -32.97 -32.80
C LEU B 102 5.65 -34.19 -32.75
N ALA B 103 4.37 -33.99 -33.09
CA ALA B 103 3.29 -35.01 -33.02
C ALA B 103 3.54 -36.20 -33.97
N GLU B 104 4.50 -36.09 -34.90
CA GLU B 104 4.90 -37.20 -35.82
C GLU B 104 5.47 -38.37 -35.01
N ARG B 105 6.08 -38.11 -33.85
CA ARG B 105 6.70 -39.12 -32.95
C ARG B 105 5.65 -40.16 -32.49
N GLY B 106 4.39 -39.75 -32.36
CA GLY B 106 3.27 -40.60 -31.90
C GLY B 106 2.27 -39.84 -31.05
N ALA B 107 1.74 -40.47 -29.99
CA ALA B 107 0.60 -40.00 -29.16
C ALA B 107 1.09 -38.99 -28.12
N VAL B 108 1.67 -37.89 -28.59
CA VAL B 108 2.32 -36.85 -27.72
C VAL B 108 1.27 -36.23 -26.79
N ASN B 109 0.02 -36.12 -27.25
CA ASN B 109 -1.07 -35.40 -26.52
C ASN B 109 -1.74 -36.31 -25.48
N ASN B 110 -1.33 -37.59 -25.41
CA ASN B 110 -1.86 -38.54 -24.39
C ASN B 110 -0.87 -38.59 -23.21
N TYR B 111 -1.34 -38.28 -22.01
CA TYR B 111 -0.49 -38.14 -20.79
C TYR B 111 -0.11 -39.52 -20.26
N ASP B 112 -1.01 -40.49 -20.38
CA ASP B 112 -0.71 -41.92 -20.13
C ASP B 112 0.50 -42.30 -21.01
N SER B 113 0.40 -42.09 -22.33
CA SER B 113 1.42 -42.44 -23.34
C SER B 113 2.76 -41.76 -23.02
N VAL B 114 2.72 -40.49 -22.60
CA VAL B 114 3.95 -39.68 -22.31
C VAL B 114 4.59 -40.20 -21.01
N TYR B 115 3.80 -40.63 -20.03
CA TYR B 115 4.31 -41.23 -18.77
C TYR B 115 5.11 -42.49 -19.09
N VAL B 116 4.60 -43.33 -19.99
CA VAL B 116 5.22 -44.63 -20.36
C VAL B 116 6.42 -44.36 -21.27
N HIS B 117 6.31 -43.37 -22.18
CA HIS B 117 7.26 -43.13 -23.30
C HIS B 117 7.80 -41.69 -23.24
N LYS B 118 8.99 -41.52 -22.67
CA LYS B 118 9.64 -40.17 -22.51
C LYS B 118 10.02 -39.63 -23.90
N GLU B 119 10.08 -40.49 -24.92
CA GLU B 119 10.39 -40.10 -26.32
C GLU B 119 9.24 -39.24 -26.89
N LEU B 120 8.06 -39.28 -26.26
CA LEU B 120 6.84 -38.55 -26.70
C LEU B 120 6.70 -37.21 -25.96
N GLU B 121 7.52 -36.98 -24.92
CA GLU B 121 7.44 -35.80 -24.00
C GLU B 121 8.04 -34.56 -24.66
N GLY B 122 7.55 -33.37 -24.29
CA GLY B 122 8.21 -32.07 -24.55
C GLY B 122 8.10 -31.61 -26.00
N GLN B 123 8.97 -30.66 -26.37
CA GLN B 123 8.83 -29.78 -27.56
C GLN B 123 10.09 -29.85 -28.43
N PHE B 124 9.99 -29.27 -29.63
CA PHE B 124 11.09 -29.11 -30.61
C PHE B 124 12.35 -28.62 -29.89
N PRO B 125 13.52 -29.25 -30.09
CA PRO B 125 14.73 -28.88 -29.37
C PRO B 125 15.56 -27.76 -30.02
N LEU B 126 16.25 -26.98 -29.19
CA LEU B 126 17.38 -26.12 -29.61
C LEU B 126 18.46 -27.02 -30.21
N GLN B 127 19.24 -26.51 -31.17
CA GLN B 127 20.41 -27.21 -31.75
C GLN B 127 21.51 -27.31 -30.68
N ALA B 128 22.34 -28.35 -30.73
CA ALA B 128 23.53 -28.52 -29.87
C ALA B 128 24.48 -27.35 -30.13
N ASN B 129 25.09 -26.80 -29.07
CA ASN B 129 26.10 -25.71 -29.12
C ASN B 129 25.45 -24.33 -29.32
N THR B 130 24.13 -24.25 -29.40
CA THR B 130 23.40 -22.96 -29.43
C THR B 130 23.92 -22.08 -28.29
N MET B 131 24.44 -20.89 -28.60
CA MET B 131 24.86 -19.90 -27.58
C MET B 131 23.60 -19.34 -26.91
N THR B 132 23.36 -19.76 -25.66
CA THR B 132 22.26 -19.25 -24.80
C THR B 132 22.88 -18.37 -23.71
N ILE B 133 22.05 -17.55 -23.07
CA ILE B 133 22.49 -16.64 -21.97
C ILE B 133 23.10 -17.48 -20.85
N GLY B 134 22.53 -18.66 -20.58
CA GLY B 134 23.06 -19.62 -19.59
C GLY B 134 24.50 -19.99 -19.89
N ARG B 135 24.78 -20.35 -21.15
CA ARG B 135 26.12 -20.80 -21.62
C ARG B 135 27.08 -19.61 -21.60
N MET B 136 26.62 -18.42 -22.01
CA MET B 136 27.41 -17.16 -21.94
C MET B 136 27.87 -16.94 -20.51
N MET B 137 26.94 -16.91 -19.56
CA MET B 137 27.21 -16.71 -18.10
C MET B 137 28.12 -17.83 -17.58
N GLN B 138 27.97 -19.06 -18.08
CA GLN B 138 28.81 -20.22 -17.68
C GLN B 138 30.29 -19.92 -17.95
N GLN B 139 30.64 -19.60 -19.21
CA GLN B 139 32.06 -19.34 -19.62
C GLN B 139 32.51 -17.96 -19.10
N ALA B 140 31.58 -17.21 -18.47
CA ALA B 140 31.83 -15.98 -17.69
C ALA B 140 32.22 -16.32 -16.25
N GLY B 141 32.10 -17.59 -15.83
CA GLY B 141 32.49 -18.08 -14.49
C GLY B 141 31.32 -18.21 -13.53
N TYR B 142 30.08 -18.08 -14.03
CA TYR B 142 28.84 -18.18 -13.23
C TYR B 142 28.36 -19.64 -13.16
N THR B 143 28.07 -20.13 -11.95
CA THR B 143 27.24 -21.33 -11.72
C THR B 143 25.82 -20.96 -12.19
N THR B 144 25.24 -21.74 -13.09
CA THR B 144 23.93 -21.44 -13.72
C THR B 144 22.89 -22.49 -13.30
N GLY B 145 21.66 -22.05 -13.10
CA GLY B 145 20.52 -22.90 -12.72
C GLY B 145 19.25 -22.40 -13.38
N CYS B 146 18.37 -23.30 -13.79
CA CYS B 146 17.00 -23.01 -14.26
C CYS B 146 16.03 -23.82 -13.39
N PHE B 147 14.93 -23.22 -12.92
CA PHE B 147 13.94 -23.88 -12.03
C PHE B 147 12.52 -23.50 -12.47
N GLY B 148 11.70 -24.52 -12.75
CA GLY B 148 10.29 -24.36 -13.13
C GLY B 148 9.96 -25.16 -14.37
N LYS B 149 10.14 -24.55 -15.56
CA LYS B 149 9.60 -25.03 -16.85
C LYS B 149 10.64 -24.73 -17.93
N TRP B 150 10.83 -25.67 -18.86
CA TRP B 150 11.82 -25.57 -19.96
C TRP B 150 11.08 -25.24 -21.27
N GLY B 151 10.67 -26.25 -22.06
CA GLY B 151 9.88 -26.07 -23.29
C GLY B 151 10.73 -25.92 -24.55
N LEU B 152 12.05 -26.06 -24.43
CA LEU B 152 13.00 -25.81 -25.54
C LEU B 152 13.76 -27.08 -25.93
N GLY B 153 13.21 -28.27 -25.63
CA GLY B 153 13.79 -29.54 -26.11
C GLY B 153 13.29 -30.72 -25.31
N TYR B 154 12.97 -31.81 -25.99
CA TYR B 154 12.38 -33.03 -25.38
C TYR B 154 13.48 -33.79 -24.63
N PRO B 155 13.11 -34.62 -23.63
CA PRO B 155 14.10 -35.39 -22.89
C PRO B 155 14.95 -36.23 -23.85
N GLY B 156 16.28 -36.15 -23.73
CA GLY B 156 17.24 -36.94 -24.52
C GLY B 156 17.62 -36.28 -25.83
N SER B 157 16.97 -35.18 -26.20
CA SER B 157 17.34 -34.33 -27.36
C SER B 157 18.60 -33.52 -27.01
N GLU B 158 19.16 -32.85 -28.01
CA GLU B 158 20.36 -31.98 -27.86
C GLU B 158 19.98 -30.62 -27.25
N GLY B 159 18.71 -30.42 -26.88
CA GLY B 159 18.18 -29.11 -26.43
C GLY B 159 17.72 -29.11 -24.98
N THR B 160 18.13 -30.08 -24.17
CA THR B 160 17.77 -30.17 -22.73
C THR B 160 18.52 -29.08 -21.97
N PRO B 161 17.97 -28.59 -20.83
CA PRO B 161 18.58 -27.50 -20.09
C PRO B 161 20.09 -27.71 -19.86
N ASN B 162 20.47 -28.90 -19.43
CA ASN B 162 21.86 -29.23 -18.98
C ASN B 162 22.82 -29.16 -20.18
N LYS B 163 22.29 -29.22 -21.40
CA LYS B 163 23.10 -29.17 -22.65
C LYS B 163 22.98 -27.78 -23.27
N GLN B 164 22.36 -26.82 -22.59
CA GLN B 164 22.04 -25.47 -23.13
C GLN B 164 22.42 -24.41 -22.08
N GLY B 165 23.54 -24.62 -21.39
CA GLY B 165 24.20 -23.61 -20.55
C GLY B 165 23.79 -23.64 -19.09
N PHE B 166 23.03 -24.65 -18.66
CA PHE B 166 22.51 -24.75 -17.27
C PHE B 166 23.17 -25.93 -16.55
N ASP B 167 24.08 -25.62 -15.62
CA ASP B 167 24.74 -26.61 -14.72
C ASP B 167 23.64 -27.41 -14.01
N ARG B 168 22.52 -26.75 -13.71
CA ARG B 168 21.47 -27.24 -12.79
C ARG B 168 20.09 -26.92 -13.37
N PHE B 169 19.18 -27.90 -13.37
CA PHE B 169 17.75 -27.75 -13.76
C PHE B 169 16.86 -28.54 -12.80
N TYR B 170 15.64 -28.07 -12.55
CA TYR B 170 14.59 -28.84 -11.83
C TYR B 170 13.20 -28.37 -12.26
N GLY B 171 12.31 -29.30 -12.59
CA GLY B 171 10.90 -29.02 -12.87
C GLY B 171 10.43 -29.66 -14.17
N TYR B 172 9.50 -29.02 -14.85
CA TYR B 172 8.84 -29.52 -16.09
C TYR B 172 9.76 -29.33 -17.29
N ASN B 173 10.08 -30.42 -18.01
CA ASN B 173 10.73 -30.33 -19.34
C ASN B 173 9.71 -29.86 -20.37
N CYS B 174 8.44 -30.23 -20.15
CA CYS B 174 7.39 -30.25 -21.19
C CYS B 174 6.28 -29.26 -20.83
N GLN B 175 5.87 -28.46 -21.82
CA GLN B 175 4.81 -27.42 -21.68
C GLN B 175 3.46 -28.10 -21.49
N ARG B 176 3.28 -29.32 -22.01
CA ARG B 176 2.00 -30.07 -21.88
C ARG B 176 1.87 -30.61 -20.45
N GLN B 177 2.97 -31.08 -19.86
CA GLN B 177 3.00 -31.61 -18.47
C GLN B 177 2.54 -30.54 -17.49
N SER B 178 3.04 -29.31 -17.62
CA SER B 178 2.80 -28.20 -16.66
C SER B 178 1.32 -27.78 -16.65
N HIS B 179 0.48 -28.29 -17.55
CA HIS B 179 -0.99 -28.04 -17.56
C HIS B 179 -1.65 -28.57 -16.29
N THR B 180 -0.95 -29.39 -15.49
CA THR B 180 -1.36 -29.81 -14.11
C THR B 180 -0.20 -29.53 -13.17
N TYR B 181 -0.51 -29.06 -11.96
CA TYR B 181 0.48 -28.68 -10.91
C TYR B 181 0.64 -29.86 -9.94
N TYR B 182 0.11 -31.03 -10.32
CA TYR B 182 0.26 -32.31 -9.57
C TYR B 182 0.73 -33.40 -10.54
N PRO B 183 1.88 -33.21 -11.24
CA PRO B 183 2.31 -34.13 -12.29
C PRO B 183 2.92 -35.38 -11.68
N PRO B 184 2.95 -36.49 -12.45
CA PRO B 184 3.42 -37.77 -11.91
C PRO B 184 4.94 -37.75 -11.64
N PHE B 185 5.65 -36.84 -12.30
CA PHE B 185 7.13 -36.68 -12.21
C PHE B 185 7.53 -35.27 -12.63
N LEU B 186 8.75 -34.87 -12.26
CA LEU B 186 9.46 -33.70 -12.83
C LEU B 186 10.86 -34.16 -13.23
N TYR B 187 11.74 -33.23 -13.60
CA TYR B 187 13.16 -33.52 -13.94
C TYR B 187 14.06 -32.91 -12.87
N ASN B 188 15.03 -33.69 -12.40
CA ASN B 188 16.23 -33.18 -11.69
C ASN B 188 17.39 -33.36 -12.68
N ASP B 189 17.79 -32.27 -13.31
CA ASP B 189 18.70 -32.28 -14.47
C ASP B 189 18.08 -33.21 -15.51
N GLU B 190 18.83 -34.23 -15.94
CA GLU B 190 18.56 -35.02 -17.16
C GLU B 190 17.63 -36.18 -16.80
N GLU B 191 17.44 -36.47 -15.50
CA GLU B 191 16.69 -37.66 -15.02
C GLU B 191 15.34 -37.27 -14.43
N ARG B 192 14.36 -38.17 -14.54
CA ARG B 192 13.00 -38.03 -13.95
C ARG B 192 13.08 -38.26 -12.45
N VAL B 193 12.18 -37.61 -11.71
CA VAL B 193 11.96 -37.81 -10.24
C VAL B 193 10.45 -37.97 -10.05
N TYR B 194 10.05 -39.18 -9.70
CA TYR B 194 8.62 -39.59 -9.65
C TYR B 194 8.02 -39.04 -8.36
N LEU B 195 6.79 -38.53 -8.43
CA LEU B 195 6.08 -37.85 -7.32
C LEU B 195 4.84 -38.67 -6.94
N SER B 196 4.37 -38.56 -5.70
CA SER B 196 3.18 -39.27 -5.15
C SER B 196 1.89 -38.70 -5.76
N ASN B 197 1.84 -38.55 -7.08
CA ASN B 197 0.68 -38.00 -7.83
C ASN B 197 0.28 -39.00 -8.92
N LYS B 198 -0.99 -39.38 -8.99
CA LYS B 198 -1.56 -40.23 -10.07
C LYS B 198 -1.41 -39.49 -11.40
N VAL B 199 -1.05 -40.20 -12.48
CA VAL B 199 -0.98 -39.68 -13.88
C VAL B 199 -2.37 -39.20 -14.28
N THR B 200 -2.50 -37.95 -14.73
CA THR B 200 -3.79 -37.31 -15.10
C THR B 200 -3.67 -36.70 -16.49
N ASP B 201 -4.81 -36.53 -17.16
CA ASP B 201 -4.97 -35.66 -18.35
C ASP B 201 -5.87 -34.50 -17.94
N PRO B 202 -5.29 -33.30 -17.68
CA PRO B 202 -6.06 -32.15 -17.21
C PRO B 202 -7.10 -31.63 -18.22
N HIS B 203 -7.01 -32.04 -19.49
CA HIS B 203 -7.99 -31.69 -20.56
C HIS B 203 -9.14 -32.70 -20.59
N ARG B 204 -9.03 -33.80 -19.83
CA ARG B 204 -10.03 -34.90 -19.86
C ARG B 204 -10.35 -35.38 -18.44
N SER B 205 -10.44 -34.45 -17.48
CA SER B 205 -10.81 -34.73 -16.07
C SER B 205 -12.05 -33.93 -15.70
N PRO B 206 -13.21 -34.15 -16.34
CA PRO B 206 -14.43 -33.40 -16.02
C PRO B 206 -14.90 -33.81 -14.61
N LEU B 207 -15.93 -33.13 -14.10
CA LEU B 207 -16.55 -33.47 -12.80
C LEU B 207 -17.18 -34.86 -12.93
N ASP B 208 -17.12 -35.67 -11.86
CA ASP B 208 -17.83 -36.98 -11.78
C ASP B 208 -19.27 -36.75 -12.24
N LYS B 209 -19.89 -37.75 -12.87
CA LYS B 209 -21.31 -37.70 -13.32
C LYS B 209 -22.18 -37.34 -12.12
N GLY B 210 -23.05 -36.33 -12.28
CA GLY B 210 -24.04 -35.90 -11.28
C GLY B 210 -23.41 -35.50 -9.96
N ALA B 211 -22.22 -34.88 -9.99
CA ALA B 211 -21.62 -34.15 -8.86
C ALA B 211 -22.11 -32.70 -8.92
N ASP B 212 -22.49 -32.14 -7.77
CA ASP B 212 -22.96 -30.73 -7.63
C ASP B 212 -21.80 -29.81 -8.00
N PRO B 213 -21.86 -29.06 -9.14
CA PRO B 213 -20.77 -28.19 -9.54
C PRO B 213 -20.52 -27.02 -8.57
N ASN B 214 -21.43 -26.80 -7.61
CA ASN B 214 -21.37 -25.70 -6.61
C ASN B 214 -20.76 -26.19 -5.29
N ASP B 215 -20.57 -27.49 -5.11
CA ASP B 215 -19.95 -28.08 -3.88
C ASP B 215 -18.43 -28.17 -4.07
N PRO B 216 -17.63 -27.44 -3.25
CA PRO B 216 -16.18 -27.55 -3.29
C PRO B 216 -15.66 -29.00 -3.24
N ALA B 217 -16.40 -29.89 -2.57
CA ALA B 217 -16.09 -31.33 -2.41
C ALA B 217 -15.87 -31.97 -3.79
N SER B 218 -16.65 -31.55 -4.79
CA SER B 218 -16.64 -32.10 -6.17
C SER B 218 -15.32 -31.77 -6.89
N TYR B 219 -14.48 -30.90 -6.31
CA TYR B 219 -13.22 -30.40 -6.91
C TYR B 219 -11.99 -30.94 -6.17
N ALA B 220 -12.20 -31.57 -5.01
CA ALA B 220 -11.15 -32.18 -4.13
C ALA B 220 -10.14 -33.00 -4.94
N LYS B 221 -10.60 -33.71 -5.98
CA LYS B 221 -9.79 -34.68 -6.75
C LYS B 221 -8.72 -33.94 -7.59
N TYR B 222 -8.81 -32.62 -7.72
CA TYR B 222 -7.86 -31.80 -8.51
C TYR B 222 -6.69 -31.33 -7.62
N THR B 223 -6.65 -31.80 -6.37
CA THR B 223 -5.54 -31.58 -5.41
C THR B 223 -5.00 -32.95 -4.99
N GLN B 224 -3.72 -33.21 -5.26
CA GLN B 224 -3.01 -34.49 -4.94
C GLN B 224 -1.99 -34.21 -3.84
N LYS B 225 -0.91 -35.00 -3.74
CA LYS B 225 -0.01 -35.03 -2.56
C LYS B 225 1.09 -33.96 -2.69
N GLU B 226 1.58 -33.66 -3.90
CA GLU B 226 2.81 -32.83 -4.09
C GLU B 226 2.58 -31.78 -5.19
N TYR B 227 2.34 -30.53 -4.77
CA TYR B 227 2.18 -29.31 -5.61
C TYR B 227 3.55 -28.93 -6.19
N ALA B 228 3.68 -28.90 -7.53
CA ALA B 228 4.97 -28.77 -8.27
C ALA B 228 5.69 -27.48 -7.84
N ASN B 229 4.95 -26.40 -7.61
CA ASN B 229 5.53 -25.07 -7.32
C ASN B 229 6.23 -25.10 -5.96
N ASP B 230 5.80 -25.97 -5.04
CA ASP B 230 6.46 -26.18 -3.72
C ASP B 230 7.85 -26.77 -3.97
N LEU B 231 7.92 -27.84 -4.75
CA LEU B 231 9.17 -28.60 -5.03
C LEU B 231 10.14 -27.69 -5.78
N ILE B 232 9.69 -27.08 -6.88
CA ILE B 232 10.50 -26.16 -7.74
C ILE B 232 11.17 -25.12 -6.84
N PHE B 233 10.42 -24.60 -5.86
CA PHE B 233 10.88 -23.52 -4.95
C PHE B 233 11.94 -24.07 -3.98
N ASP B 234 11.63 -25.18 -3.28
CA ASP B 234 12.56 -25.85 -2.33
C ASP B 234 13.90 -26.07 -3.02
N GLU B 235 13.89 -26.39 -4.32
CA GLU B 235 15.10 -26.74 -5.11
C GLU B 235 15.85 -25.46 -5.48
N LEU B 236 15.14 -24.41 -5.92
CA LEU B 236 15.72 -23.09 -6.24
C LEU B 236 16.38 -22.51 -4.98
N MET B 237 15.72 -22.63 -3.82
CA MET B 237 16.23 -22.15 -2.51
C MET B 237 17.46 -22.96 -2.11
N GLY B 238 17.44 -24.29 -2.32
CA GLY B 238 18.61 -25.17 -2.13
C GLY B 238 19.80 -24.73 -2.98
N PHE B 239 19.54 -24.35 -4.24
CA PHE B 239 20.57 -23.89 -5.21
C PHE B 239 21.21 -22.59 -4.69
N VAL B 240 20.41 -21.69 -4.10
CA VAL B 240 20.91 -20.40 -3.53
C VAL B 240 21.82 -20.73 -2.33
N ASP B 241 21.31 -21.50 -1.36
CA ASP B 241 22.06 -21.91 -0.15
C ASP B 241 23.36 -22.61 -0.58
N ALA B 242 23.31 -23.38 -1.67
CA ALA B 242 24.45 -24.15 -2.23
C ALA B 242 25.51 -23.20 -2.82
N ASN B 243 25.10 -22.06 -3.39
CA ASN B 243 25.98 -21.22 -4.24
C ASN B 243 26.07 -19.78 -3.70
N LYS B 244 25.75 -19.57 -2.42
CA LYS B 244 25.64 -18.22 -1.79
C LYS B 244 27.00 -17.51 -1.87
N ARG B 245 28.10 -18.25 -1.67
CA ARG B 245 29.49 -17.72 -1.69
C ARG B 245 30.10 -17.96 -3.08
N LYS B 246 29.29 -17.86 -4.14
CA LYS B 246 29.70 -18.05 -5.56
C LYS B 246 28.89 -17.11 -6.45
N PRO B 247 29.46 -16.64 -7.58
CA PRO B 247 28.70 -15.87 -8.56
C PRO B 247 27.73 -16.81 -9.30
N PHE B 248 26.43 -16.54 -9.24
CA PHE B 248 25.39 -17.44 -9.82
C PHE B 248 24.39 -16.66 -10.69
N PHE B 249 24.05 -17.24 -11.85
CA PHE B 249 22.95 -16.83 -12.76
C PHE B 249 21.82 -17.86 -12.64
N LEU B 250 20.70 -17.45 -12.07
CA LEU B 250 19.55 -18.34 -11.71
C LEU B 250 18.32 -17.83 -12.46
N MET B 251 17.74 -18.65 -13.33
CA MET B 251 16.47 -18.33 -14.03
C MET B 251 15.34 -19.10 -13.33
N TRP B 252 14.32 -18.37 -12.88
CA TRP B 252 13.12 -18.92 -12.22
C TRP B 252 11.98 -18.89 -13.24
N THR B 253 11.96 -19.88 -14.13
CA THR B 253 10.94 -20.05 -15.21
C THR B 253 9.73 -20.76 -14.63
N THR B 254 9.05 -20.14 -13.66
CA THR B 254 7.83 -20.72 -13.06
C THR B 254 6.79 -20.86 -14.16
N PRO B 255 6.01 -21.95 -14.10
CA PRO B 255 4.84 -22.10 -14.97
C PRO B 255 3.64 -21.27 -14.52
N LEU B 256 3.65 -20.71 -13.30
CA LEU B 256 2.53 -19.86 -12.80
C LEU B 256 2.50 -18.55 -13.58
N PRO B 257 1.31 -17.92 -13.80
CA PRO B 257 0.01 -18.49 -13.44
C PRO B 257 -0.72 -19.12 -14.64
N HIS B 258 -0.01 -19.93 -15.42
CA HIS B 258 -0.58 -20.70 -16.56
C HIS B 258 -1.63 -21.67 -15.98
N VAL B 259 -2.79 -21.78 -16.64
CA VAL B 259 -3.86 -22.75 -16.25
C VAL B 259 -3.25 -24.15 -16.39
N SER B 260 -3.70 -25.15 -15.61
CA SER B 260 -4.96 -25.17 -14.87
C SER B 260 -4.93 -24.30 -13.62
N LEU B 261 -6.12 -24.00 -13.09
CA LEU B 261 -6.32 -23.23 -11.85
C LEU B 261 -6.24 -24.19 -10.65
N GLN B 262 -5.03 -24.38 -10.14
CA GLN B 262 -4.76 -25.16 -8.90
C GLN B 262 -3.86 -24.31 -8.00
N ALA B 263 -4.26 -24.09 -6.74
CA ALA B 263 -3.48 -23.33 -5.74
C ALA B 263 -3.83 -23.80 -4.33
N PRO B 264 -2.90 -23.66 -3.36
CA PRO B 264 -3.16 -24.04 -1.96
C PRO B 264 -4.48 -23.46 -1.43
N GLU B 265 -5.22 -24.23 -0.63
CA GLU B 265 -6.57 -23.90 -0.13
C GLU B 265 -6.50 -22.60 0.71
N ARG B 266 -5.43 -22.43 1.49
CA ARG B 266 -5.24 -21.21 2.32
C ARG B 266 -5.36 -19.97 1.42
N TRP B 267 -4.61 -19.92 0.32
CA TRP B 267 -4.58 -18.76 -0.60
C TRP B 267 -5.91 -18.60 -1.36
N VAL B 268 -6.60 -19.70 -1.67
CA VAL B 268 -7.92 -19.67 -2.36
C VAL B 268 -8.94 -19.03 -1.42
N GLN B 269 -8.99 -19.48 -0.15
CA GLN B 269 -10.02 -19.05 0.83
C GLN B 269 -9.83 -17.56 1.17
N HIS B 270 -8.58 -17.08 1.13
CA HIS B 270 -8.23 -15.64 1.27
C HIS B 270 -9.06 -14.83 0.26
N TYR B 271 -9.13 -15.30 -0.99
CA TYR B 271 -9.77 -14.56 -2.12
C TYR B 271 -11.25 -14.91 -2.25
N VAL B 272 -11.70 -16.03 -1.67
CA VAL B 272 -13.15 -16.37 -1.60
C VAL B 272 -13.80 -15.41 -0.58
N LYS B 273 -13.12 -15.15 0.53
CA LYS B 273 -13.57 -14.18 1.58
C LYS B 273 -13.57 -12.76 0.98
N LYS B 274 -12.55 -12.42 0.19
CA LYS B 274 -12.38 -11.06 -0.40
C LYS B 274 -13.39 -10.85 -1.54
N PHE B 275 -13.33 -11.68 -2.60
CA PHE B 275 -14.17 -11.51 -3.82
C PHE B 275 -15.60 -11.96 -3.56
N GLY B 276 -15.82 -12.81 -2.55
CA GLY B 276 -17.11 -13.43 -2.26
C GLY B 276 -17.33 -14.65 -3.13
N ASP B 277 -18.60 -15.08 -3.28
CA ASP B 277 -19.00 -16.27 -4.06
C ASP B 277 -18.87 -15.94 -5.55
N GLU B 278 -18.75 -16.97 -6.41
CA GLU B 278 -18.67 -16.81 -7.89
C GLU B 278 -19.12 -18.09 -8.59
N LYS B 279 -19.56 -17.96 -9.85
CA LYS B 279 -19.94 -19.09 -10.74
C LYS B 279 -18.77 -20.06 -10.85
N PRO B 280 -19.00 -21.39 -10.69
CA PRO B 280 -17.93 -22.36 -10.85
C PRO B 280 -17.47 -22.43 -12.31
N TYR B 281 -16.21 -22.85 -12.54
CA TYR B 281 -15.66 -23.17 -13.88
C TYR B 281 -15.67 -24.70 -14.06
N THR B 282 -16.37 -25.20 -15.09
CA THR B 282 -16.59 -26.66 -15.31
C THR B 282 -15.83 -27.15 -16.54
N GLY B 283 -14.77 -26.44 -16.96
CA GLY B 283 -13.87 -26.86 -18.04
C GLY B 283 -14.35 -26.44 -19.42
N GLN B 284 -15.27 -25.47 -19.51
CA GLN B 284 -15.88 -24.98 -20.78
C GLN B 284 -14.79 -24.71 -21.82
N ALA B 285 -13.72 -24.02 -21.42
CA ALA B 285 -12.59 -23.60 -22.29
C ALA B 285 -11.34 -24.45 -21.98
N GLY B 286 -11.52 -25.74 -21.66
CA GLY B 286 -10.40 -26.69 -21.49
C GLY B 286 -9.74 -26.57 -20.13
N TYR B 287 -8.71 -27.39 -19.89
CA TYR B 287 -7.98 -27.53 -18.60
C TYR B 287 -8.99 -27.95 -17.50
N LEU B 288 -8.53 -28.03 -16.25
CA LEU B 288 -9.30 -28.61 -15.12
C LEU B 288 -10.48 -27.71 -14.77
N PRO B 289 -11.62 -28.28 -14.31
CA PRO B 289 -12.63 -27.51 -13.61
C PRO B 289 -12.05 -26.88 -12.33
N CYS B 290 -12.72 -25.84 -11.84
CA CYS B 290 -12.30 -25.02 -10.66
C CYS B 290 -13.53 -24.33 -10.06
N ARG B 291 -13.82 -24.60 -8.78
CA ARG B 291 -15.03 -24.08 -8.07
C ARG B 291 -15.00 -22.54 -8.05
N TYR B 292 -13.85 -21.95 -7.72
CA TYR B 292 -13.67 -20.50 -7.50
C TYR B 292 -12.60 -19.96 -8.44
N PRO B 293 -12.88 -19.87 -9.77
CA PRO B 293 -11.85 -19.56 -10.76
C PRO B 293 -11.13 -18.21 -10.55
N HIS B 294 -11.85 -17.15 -10.15
CA HIS B 294 -11.26 -15.83 -9.86
C HIS B 294 -10.33 -15.96 -8.63
N ALA B 295 -10.88 -16.43 -7.52
CA ALA B 295 -10.17 -16.60 -6.24
C ALA B 295 -8.88 -17.42 -6.47
N THR B 296 -8.94 -18.41 -7.35
CA THR B 296 -7.83 -19.38 -7.58
C THR B 296 -6.76 -18.74 -8.46
N TYR B 297 -7.15 -18.00 -9.51
CA TYR B 297 -6.18 -17.27 -10.37
C TYR B 297 -5.38 -16.27 -9.51
N ALA B 298 -6.07 -15.58 -8.60
CA ALA B 298 -5.45 -14.65 -7.63
C ALA B 298 -4.49 -15.41 -6.70
N ALA B 299 -5.01 -16.44 -6.02
CA ALA B 299 -4.27 -17.32 -5.08
C ALA B 299 -2.95 -17.75 -5.72
N MET B 300 -2.99 -18.16 -6.99
CA MET B 300 -1.82 -18.61 -7.78
C MET B 300 -0.76 -17.50 -7.77
N ILE B 301 -1.14 -16.28 -8.09
CA ILE B 301 -0.20 -15.13 -8.27
C ILE B 301 0.31 -14.68 -6.89
N SER B 302 -0.56 -14.64 -5.88
CA SER B 302 -0.21 -14.26 -4.48
C SER B 302 0.73 -15.32 -3.85
N TYR B 303 0.42 -16.59 -4.06
CA TYR B 303 1.27 -17.75 -3.66
C TYR B 303 2.70 -17.52 -4.13
N PHE B 304 2.88 -17.18 -5.41
CA PHE B 304 4.21 -17.01 -6.04
C PHE B 304 4.86 -15.74 -5.52
N ASP B 305 4.08 -14.65 -5.41
CA ASP B 305 4.50 -13.38 -4.75
C ASP B 305 5.15 -13.74 -3.41
N GLU B 306 4.48 -14.53 -2.58
CA GLU B 306 4.96 -14.90 -1.22
C GLU B 306 6.26 -15.70 -1.33
N GLN B 307 6.44 -16.48 -2.39
CA GLN B 307 7.71 -17.23 -2.60
C GLN B 307 8.82 -16.21 -2.84
N ILE B 308 8.59 -15.24 -3.73
CA ILE B 308 9.55 -14.12 -4.00
C ILE B 308 9.88 -13.42 -2.68
N GLY B 309 8.89 -13.21 -1.82
CA GLY B 309 9.08 -12.67 -0.45
C GLY B 309 10.14 -13.44 0.34
N GLN B 310 10.11 -14.77 0.27
CA GLN B 310 11.04 -15.64 1.05
C GLN B 310 12.42 -15.65 0.39
N LEU B 311 12.48 -15.61 -0.94
CA LEU B 311 13.76 -15.52 -1.69
C LEU B 311 14.51 -14.28 -1.21
N ILE B 312 13.86 -13.11 -1.26
CA ILE B 312 14.43 -11.80 -0.85
C ILE B 312 14.92 -11.93 0.61
N GLU B 313 14.09 -12.44 1.52
CA GLU B 313 14.46 -12.67 2.95
C GLU B 313 15.77 -13.45 3.03
N LYS B 314 15.94 -14.47 2.17
CA LYS B 314 17.14 -15.36 2.19
C LYS B 314 18.34 -14.61 1.63
N LEU B 315 18.17 -13.89 0.53
CA LEU B 315 19.22 -13.02 -0.05
C LEU B 315 19.76 -12.08 1.05
N LYS B 316 18.85 -11.39 1.76
CA LYS B 316 19.20 -10.45 2.85
C LYS B 316 19.96 -11.19 3.97
N ALA B 317 19.38 -12.28 4.50
CA ALA B 317 19.93 -13.07 5.63
C ALA B 317 21.34 -13.55 5.29
N GLU B 318 21.61 -13.82 4.00
CA GLU B 318 22.93 -14.27 3.48
C GLU B 318 23.72 -13.09 2.90
N HIS B 319 23.29 -11.85 3.17
CA HIS B 319 23.94 -10.58 2.73
C HIS B 319 24.27 -10.63 1.23
N LEU B 320 23.28 -10.90 0.39
CA LEU B 320 23.42 -11.00 -1.09
C LEU B 320 22.54 -9.95 -1.80
N TYR B 321 21.55 -9.37 -1.14
CA TYR B 321 20.56 -8.46 -1.76
C TYR B 321 21.30 -7.35 -2.53
N GLU B 322 22.37 -6.81 -1.93
CA GLU B 322 23.15 -5.68 -2.49
C GLU B 322 24.00 -6.14 -3.69
N ASN B 323 24.39 -7.41 -3.76
CA ASN B 323 25.22 -7.98 -4.86
C ASN B 323 24.38 -8.84 -5.82
N THR B 324 23.04 -8.78 -5.73
CA THR B 324 22.13 -9.56 -6.60
C THR B 324 21.17 -8.62 -7.35
N LEU B 325 21.35 -8.54 -8.66
CA LEU B 325 20.39 -7.95 -9.63
C LEU B 325 19.27 -8.96 -9.85
N ILE B 326 18.03 -8.49 -10.01
CA ILE B 326 16.80 -9.32 -10.14
C ILE B 326 15.95 -8.74 -11.27
N VAL B 327 15.67 -9.52 -12.31
CA VAL B 327 14.61 -9.21 -13.32
C VAL B 327 13.37 -10.00 -12.93
N PHE B 328 12.20 -9.39 -13.12
CA PHE B 328 10.87 -10.02 -12.97
C PHE B 328 10.03 -9.62 -14.19
N THR B 329 9.59 -10.60 -14.99
CA THR B 329 8.75 -10.36 -16.18
C THR B 329 7.90 -11.61 -16.47
N SER B 330 7.19 -11.60 -17.60
CA SER B 330 6.24 -12.64 -18.05
C SER B 330 6.59 -13.02 -19.50
N ASP B 331 6.37 -14.27 -19.92
CA ASP B 331 6.82 -14.77 -21.24
C ASP B 331 5.88 -14.26 -22.35
N ASN B 332 4.63 -13.96 -22.01
CA ASN B 332 3.62 -13.45 -22.98
C ASN B 332 2.43 -12.88 -22.22
N GLY B 333 1.51 -12.24 -22.96
CA GLY B 333 0.31 -11.58 -22.41
C GLY B 333 -0.69 -12.58 -21.83
N PRO B 334 -1.78 -12.09 -21.21
CA PRO B 334 -2.70 -12.95 -20.47
C PRO B 334 -3.55 -13.78 -21.45
N THR B 335 -4.21 -14.81 -20.93
CA THR B 335 -4.88 -15.87 -21.73
C THR B 335 -6.39 -15.61 -21.77
N PHE B 336 -7.12 -16.54 -22.40
CA PHE B 336 -8.57 -16.44 -22.73
C PHE B 336 -9.31 -17.72 -22.35
N ASN B 337 -8.60 -18.75 -21.86
CA ASN B 337 -9.11 -20.13 -21.69
C ASN B 337 -8.81 -20.62 -20.27
N GLY B 338 -9.12 -21.88 -19.98
CA GLY B 338 -8.75 -22.61 -18.74
C GLY B 338 -9.44 -22.05 -17.51
N GLY B 339 -10.49 -21.26 -17.66
CA GLY B 339 -11.22 -20.63 -16.54
C GLY B 339 -10.59 -19.31 -16.13
N SER B 340 -9.61 -18.82 -16.89
CA SER B 340 -9.05 -17.44 -16.76
C SER B 340 -10.17 -16.43 -17.02
N ASP B 341 -10.08 -15.24 -16.42
CA ASP B 341 -11.04 -14.13 -16.67
C ASP B 341 -10.24 -12.83 -16.73
N SER B 342 -9.40 -12.72 -17.77
CA SER B 342 -8.46 -11.61 -17.99
C SER B 342 -9.19 -10.27 -17.98
N PRO B 343 -10.39 -10.15 -18.62
CA PRO B 343 -11.17 -8.90 -18.58
C PRO B 343 -11.57 -8.48 -17.16
N TRP B 344 -11.96 -9.44 -16.31
CA TRP B 344 -12.48 -9.19 -14.93
C TRP B 344 -11.36 -8.67 -14.02
N PHE B 345 -10.11 -9.08 -14.28
CA PHE B 345 -8.88 -8.64 -13.57
C PHE B 345 -8.24 -7.47 -14.31
N ASN B 346 -8.69 -7.17 -15.53
CA ASN B 346 -8.04 -6.22 -16.47
C ASN B 346 -6.55 -6.60 -16.54
N SER B 347 -6.29 -7.88 -16.80
CA SER B 347 -4.94 -8.50 -16.77
C SER B 347 -4.04 -7.82 -17.82
N GLY B 348 -4.63 -7.27 -18.88
CA GLY B 348 -3.89 -6.56 -19.94
C GLY B 348 -3.46 -5.15 -19.53
N GLY B 349 -3.96 -4.65 -18.39
CA GLY B 349 -3.62 -3.32 -17.85
C GLY B 349 -4.09 -2.21 -18.78
N LEU B 350 -3.16 -1.62 -19.54
CA LEU B 350 -3.46 -0.61 -20.59
C LEU B 350 -4.23 -1.25 -21.76
N PHE B 351 -4.05 -2.56 -22.00
CA PHE B 351 -4.44 -3.26 -23.25
C PHE B 351 -5.61 -4.22 -22.99
N ASN B 352 -6.39 -4.51 -24.03
CA ASN B 352 -7.48 -5.52 -24.01
C ASN B 352 -6.87 -6.91 -23.84
N SER B 353 -7.64 -7.85 -23.30
CA SER B 353 -7.18 -9.22 -22.94
C SER B 353 -8.15 -10.32 -23.38
N ALA B 354 -9.30 -9.98 -23.97
CA ALA B 354 -10.22 -10.95 -24.62
C ALA B 354 -9.44 -11.69 -25.73
N TYR B 355 -9.86 -12.91 -26.09
CA TYR B 355 -9.30 -13.67 -27.25
C TYR B 355 -9.16 -12.71 -28.45
N GLY B 356 -7.97 -12.69 -29.05
CA GLY B 356 -7.62 -11.82 -30.20
C GLY B 356 -6.67 -10.70 -29.81
N TRP B 357 -6.68 -10.27 -28.54
CA TRP B 357 -5.94 -9.07 -28.03
C TRP B 357 -4.75 -9.44 -27.13
N GLY B 358 -4.65 -10.67 -26.65
CA GLY B 358 -3.64 -11.08 -25.65
C GLY B 358 -2.72 -12.15 -26.16
N LYS B 359 -2.46 -13.16 -25.32
CA LYS B 359 -1.74 -14.42 -25.68
C LYS B 359 -2.16 -14.91 -27.06
N CYS B 360 -1.19 -15.28 -27.90
CA CYS B 360 -1.33 -15.88 -29.27
C CYS B 360 -1.41 -14.81 -30.37
N PHE B 361 -1.44 -13.52 -30.03
CA PHE B 361 -1.59 -12.40 -31.00
C PHE B 361 -0.53 -11.34 -30.73
N LEU B 362 -0.17 -10.58 -31.76
CA LEU B 362 0.91 -9.56 -31.73
C LEU B 362 0.35 -8.16 -31.38
N HIS B 363 -0.92 -8.06 -30.97
CA HIS B 363 -1.45 -6.87 -30.26
C HIS B 363 -0.59 -6.63 -29.02
N GLU B 364 -0.46 -5.37 -28.60
CA GLU B 364 0.33 -4.97 -27.40
C GLU B 364 -0.04 -5.89 -26.23
N GLY B 365 -1.34 -6.16 -26.06
CA GLY B 365 -1.88 -6.99 -24.96
C GLY B 365 -1.16 -8.32 -24.83
N GLY B 366 -0.63 -8.84 -25.96
CA GLY B 366 -0.03 -10.19 -26.06
C GLY B 366 1.48 -10.18 -25.99
N ILE B 367 2.16 -9.14 -26.49
CA ILE B 367 3.65 -9.14 -26.60
C ILE B 367 4.28 -8.18 -25.58
N ARG B 368 3.57 -7.17 -25.09
CA ARG B 368 4.14 -6.29 -24.03
C ARG B 368 3.84 -6.86 -22.66
N VAL B 369 4.91 -6.99 -21.87
CA VAL B 369 4.91 -7.73 -20.57
C VAL B 369 5.47 -6.82 -19.50
N PRO B 370 4.97 -6.93 -18.24
CA PRO B 370 5.43 -6.07 -17.17
C PRO B 370 6.88 -6.47 -16.86
N ALA B 371 7.73 -5.51 -16.56
CA ALA B 371 9.18 -5.70 -16.29
C ALA B 371 9.61 -4.83 -15.11
N ILE B 372 10.29 -5.46 -14.16
CA ILE B 372 10.90 -4.84 -12.95
C ILE B 372 12.36 -5.30 -12.90
N ILE B 373 13.31 -4.39 -12.69
CA ILE B 373 14.72 -4.77 -12.38
C ILE B 373 15.14 -4.04 -11.10
N THR B 374 15.72 -4.78 -10.15
CA THR B 374 16.38 -4.22 -8.95
C THR B 374 17.84 -4.64 -8.94
N TRP B 375 18.69 -3.71 -8.55
CA TRP B 375 20.09 -3.94 -8.10
C TRP B 375 20.37 -2.89 -7.03
N PRO B 376 20.01 -3.19 -5.74
CA PRO B 376 20.07 -2.20 -4.67
C PRO B 376 21.41 -1.47 -4.57
N GLY B 377 21.38 -0.13 -4.57
CA GLY B 377 22.56 0.73 -4.44
C GLY B 377 23.27 0.96 -5.76
N LYS B 378 22.71 0.44 -6.87
CA LYS B 378 23.28 0.56 -8.24
C LYS B 378 22.19 1.08 -9.18
N ILE B 379 21.04 0.41 -9.22
CA ILE B 379 19.77 0.89 -9.84
C ILE B 379 19.10 1.81 -8.83
N LYS B 380 18.44 2.87 -9.30
CA LYS B 380 17.79 3.88 -8.42
C LYS B 380 16.35 3.46 -8.14
N PRO B 381 15.93 3.43 -6.86
CA PRO B 381 14.64 2.88 -6.48
C PRO B 381 13.50 3.81 -6.91
N GLY B 382 12.31 3.27 -7.15
CA GLY B 382 11.10 4.06 -7.46
C GLY B 382 11.20 4.82 -8.78
N THR B 383 12.12 4.41 -9.67
CA THR B 383 12.32 4.99 -11.03
C THR B 383 11.52 4.18 -12.07
N GLN B 384 11.42 4.74 -13.26
CA GLN B 384 10.61 4.21 -14.39
C GLN B 384 11.29 4.63 -15.71
N SER B 385 11.47 3.69 -16.65
CA SER B 385 11.98 3.98 -18.01
C SER B 385 10.98 3.47 -19.04
N ASP B 386 10.66 4.28 -20.04
CA ASP B 386 9.76 3.89 -21.16
C ASP B 386 10.62 3.48 -22.37
N HIS B 387 11.91 3.19 -22.17
CA HIS B 387 12.82 2.67 -23.22
C HIS B 387 12.17 1.44 -23.86
N ILE B 388 12.12 1.43 -25.19
CA ILE B 388 11.59 0.30 -26.00
C ILE B 388 12.69 -0.77 -26.04
N CYS B 389 12.49 -1.90 -25.37
CA CYS B 389 13.42 -3.05 -25.35
C CYS B 389 12.65 -4.39 -25.34
N ALA B 390 13.35 -5.50 -25.53
CA ALA B 390 12.74 -6.85 -25.66
C ALA B 390 13.71 -7.96 -25.25
N PHE B 391 13.23 -9.20 -25.20
CA PHE B 391 13.94 -10.38 -24.64
C PHE B 391 15.31 -10.58 -25.32
N GLN B 392 15.39 -10.26 -26.60
CA GLN B 392 16.64 -10.23 -27.41
C GLN B 392 17.72 -9.46 -26.67
N ASP B 393 17.35 -8.32 -26.07
CA ASP B 393 18.27 -7.34 -25.43
C ASP B 393 18.84 -7.91 -24.12
N VAL B 394 18.22 -8.95 -23.55
CA VAL B 394 18.63 -9.51 -22.23
C VAL B 394 20.05 -10.11 -22.35
N MET B 395 20.38 -10.73 -23.49
CA MET B 395 21.75 -11.30 -23.71
C MET B 395 22.80 -10.19 -23.60
N PRO B 396 22.81 -9.14 -24.46
CA PRO B 396 23.85 -8.12 -24.41
C PRO B 396 23.85 -7.31 -23.10
N THR B 397 22.68 -7.12 -22.48
CA THR B 397 22.52 -6.48 -21.15
C THR B 397 23.34 -7.24 -20.10
N LEU B 398 23.25 -8.58 -20.12
CA LEU B 398 23.99 -9.49 -19.20
C LEU B 398 25.49 -9.50 -19.57
N ALA B 399 25.83 -9.46 -20.87
CA ALA B 399 27.22 -9.47 -21.38
C ALA B 399 27.93 -8.19 -20.94
N GLU B 400 27.25 -7.03 -21.01
CA GLU B 400 27.79 -5.74 -20.53
C GLU B 400 27.91 -5.79 -19.00
N LEU B 401 26.88 -6.28 -18.32
CA LEU B 401 26.79 -6.36 -16.83
C LEU B 401 27.90 -7.25 -16.28
N ALA B 402 28.30 -8.29 -17.02
CA ALA B 402 29.26 -9.33 -16.57
C ALA B 402 30.67 -9.02 -17.08
N GLY B 403 30.82 -7.96 -17.89
CA GLY B 403 32.11 -7.52 -18.47
C GLY B 403 32.66 -8.57 -19.42
N ILE B 404 31.89 -8.93 -20.44
CA ILE B 404 32.16 -10.05 -21.40
C ILE B 404 31.91 -9.58 -22.83
N THR B 405 32.74 -10.02 -23.79
CA THR B 405 32.47 -9.87 -25.25
C THR B 405 31.12 -10.54 -25.54
N CYS B 406 30.15 -9.77 -26.05
CA CYS B 406 28.78 -10.25 -26.34
C CYS B 406 28.82 -11.15 -27.57
N PRO B 407 28.18 -12.34 -27.55
CA PRO B 407 28.07 -13.16 -28.75
C PRO B 407 27.25 -12.43 -29.81
N PRO B 408 27.17 -12.94 -31.07
CA PRO B 408 26.28 -12.37 -32.06
C PRO B 408 24.86 -12.30 -31.46
N THR B 409 24.08 -11.28 -31.82
CA THR B 409 22.76 -11.00 -31.19
C THR B 409 21.96 -10.02 -32.06
N ASP B 410 20.63 -10.04 -31.91
CA ASP B 410 19.70 -8.99 -32.40
C ASP B 410 19.44 -7.97 -31.27
N GLY B 411 20.02 -8.20 -30.10
CA GLY B 411 19.76 -7.39 -28.89
C GLY B 411 20.58 -6.10 -28.85
N ILE B 412 20.07 -5.10 -28.14
CA ILE B 412 20.80 -3.86 -27.74
C ILE B 412 20.71 -3.75 -26.21
N SER B 413 21.87 -3.85 -25.53
CA SER B 413 22.00 -3.71 -24.06
C SER B 413 21.14 -2.55 -23.57
N PHE B 414 20.36 -2.76 -22.51
CA PHE B 414 19.56 -1.68 -21.86
C PHE B 414 20.12 -1.44 -20.46
N LEU B 415 21.35 -1.89 -20.20
CA LEU B 415 22.08 -1.61 -18.93
C LEU B 415 22.23 -0.10 -18.74
N PRO B 416 22.56 0.71 -19.78
CA PRO B 416 22.63 2.17 -19.63
C PRO B 416 21.35 2.78 -19.01
N THR B 417 20.17 2.30 -19.43
CA THR B 417 18.85 2.72 -18.90
C THR B 417 18.74 2.33 -17.42
N LEU B 418 19.16 1.11 -17.07
CA LEU B 418 19.10 0.58 -15.68
C LEU B 418 19.93 1.46 -14.74
N LEU B 419 21.04 2.03 -15.21
CA LEU B 419 22.04 2.77 -14.37
C LEU B 419 21.82 4.28 -14.46
N GLY B 420 20.68 4.72 -15.01
CA GLY B 420 20.27 6.14 -15.06
C GLY B 420 20.97 6.94 -16.14
N LYS B 421 21.84 6.30 -16.94
CA LYS B 421 22.70 6.95 -17.98
C LYS B 421 21.99 6.90 -19.33
N LYS B 422 20.80 7.50 -19.45
CA LYS B 422 19.99 7.70 -20.70
C LYS B 422 20.87 8.15 -21.87
N GLY B 423 21.83 9.06 -21.59
CA GLY B 423 22.73 9.67 -22.59
C GLY B 423 23.50 8.64 -23.41
N LYS B 424 23.70 7.42 -22.90
CA LYS B 424 24.52 6.35 -23.53
C LYS B 424 23.64 5.13 -23.88
N GLN B 425 22.32 5.32 -24.01
CA GLN B 425 21.35 4.24 -24.29
C GLN B 425 21.08 4.20 -25.80
N LYS B 426 21.66 3.24 -26.52
CA LYS B 426 21.35 3.00 -27.95
C LYS B 426 19.87 2.60 -28.05
N GLU B 427 19.21 3.00 -29.14
CA GLU B 427 17.79 2.69 -29.42
C GLU B 427 17.68 1.78 -30.65
N HIS B 428 16.69 0.90 -30.68
CA HIS B 428 16.31 0.13 -31.89
C HIS B 428 15.66 1.08 -32.88
N THR B 429 16.05 1.02 -34.16
CA THR B 429 15.32 1.66 -35.30
C THR B 429 13.87 1.21 -35.24
N TYR B 430 13.65 -0.09 -35.04
CA TYR B 430 12.33 -0.76 -35.01
C TYR B 430 12.45 -2.11 -34.30
N LEU B 431 11.32 -2.65 -33.86
CA LEU B 431 11.21 -4.04 -33.37
C LEU B 431 10.36 -4.85 -34.36
N TYR B 432 10.74 -6.11 -34.62
CA TYR B 432 9.98 -7.09 -35.46
C TYR B 432 9.51 -8.23 -34.57
N TRP B 433 8.32 -8.75 -34.86
CA TRP B 433 7.77 -10.02 -34.32
C TRP B 433 7.14 -10.81 -35.47
N GLU B 434 7.32 -12.14 -35.45
CA GLU B 434 6.44 -13.08 -36.20
C GLU B 434 6.10 -14.26 -35.28
N TYR B 435 4.82 -14.62 -35.31
CA TYR B 435 4.27 -15.87 -34.73
C TYR B 435 3.62 -16.64 -35.88
N PRO B 436 4.41 -17.50 -36.59
CA PRO B 436 3.91 -18.29 -37.72
C PRO B 436 3.23 -19.58 -37.25
N ASP B 437 2.26 -19.47 -36.34
CA ASP B 437 1.44 -20.60 -35.86
C ASP B 437 0.77 -21.23 -37.07
N PRO B 438 0.33 -22.51 -36.98
CA PRO B 438 -0.23 -23.22 -38.14
C PRO B 438 -1.60 -22.67 -38.59
N ARG B 439 -2.41 -22.12 -37.67
CA ARG B 439 -3.83 -21.74 -37.91
C ARG B 439 -3.95 -20.32 -38.49
N ILE B 440 -3.25 -19.34 -37.92
CA ILE B 440 -3.54 -17.89 -38.13
C ILE B 440 -2.36 -17.21 -38.85
N GLY B 441 -1.19 -17.17 -38.22
CA GLY B 441 0.00 -16.51 -38.77
C GLY B 441 -0.01 -15.00 -38.55
N ASN B 442 1.03 -14.47 -37.90
CA ASN B 442 1.11 -13.07 -37.44
C ASN B 442 2.53 -12.52 -37.68
N LYS B 443 2.62 -11.31 -38.26
CA LYS B 443 3.84 -10.46 -38.30
C LYS B 443 3.48 -9.07 -37.78
N ALA B 444 4.43 -8.39 -37.13
CA ALA B 444 4.22 -7.04 -36.56
C ALA B 444 5.54 -6.27 -36.49
N ILE B 445 5.45 -4.95 -36.68
CA ILE B 445 6.56 -3.95 -36.56
C ILE B 445 6.11 -2.90 -35.56
N ARG B 446 6.96 -2.54 -34.59
CA ARG B 446 6.87 -1.25 -33.88
C ARG B 446 8.02 -0.35 -34.33
N MET B 447 7.72 0.92 -34.62
CA MET B 447 8.71 1.97 -34.94
C MET B 447 8.17 3.32 -34.42
N GLY B 448 8.72 3.76 -33.28
CA GLY B 448 8.16 4.86 -32.48
C GLY B 448 6.73 4.56 -32.07
N LYS B 449 5.83 5.52 -32.27
CA LYS B 449 4.37 5.44 -31.94
C LYS B 449 3.66 4.50 -32.92
N TRP B 450 4.28 4.15 -34.05
CA TRP B 450 3.63 3.40 -35.15
C TRP B 450 3.80 1.89 -34.95
N LYS B 451 2.69 1.16 -34.95
CA LYS B 451 2.59 -0.30 -34.69
C LYS B 451 1.76 -0.92 -35.81
N GLY B 452 2.39 -1.69 -36.69
CA GLY B 452 1.72 -2.41 -37.78
C GLY B 452 1.58 -3.89 -37.46
N ILE B 453 0.43 -4.49 -37.74
CA ILE B 453 0.18 -5.96 -37.60
C ILE B 453 -0.39 -6.50 -38.91
N ILE B 454 0.11 -7.65 -39.37
CA ILE B 454 -0.55 -8.55 -40.37
C ILE B 454 -0.90 -9.86 -39.67
N THR B 455 -2.19 -10.16 -39.53
CA THR B 455 -2.75 -11.41 -38.96
C THR B 455 -3.46 -12.18 -40.08
N ASP B 456 -4.00 -13.36 -39.78
CA ASP B 456 -4.74 -14.23 -40.73
C ASP B 456 -3.87 -14.51 -41.97
N ILE B 457 -2.55 -14.65 -41.80
CA ILE B 457 -1.58 -14.80 -42.93
C ILE B 457 -1.78 -16.17 -43.58
N ARG B 458 -2.08 -17.19 -42.78
CA ARG B 458 -2.38 -18.58 -43.22
C ARG B 458 -3.59 -18.59 -44.15
N LYS B 459 -4.58 -17.75 -43.89
CA LYS B 459 -5.79 -17.58 -44.76
C LYS B 459 -5.46 -16.75 -46.01
N GLY B 460 -4.20 -16.33 -46.18
CA GLY B 460 -3.68 -15.67 -47.39
C GLY B 460 -3.85 -14.16 -47.37
N ASN B 461 -4.12 -13.57 -46.20
CA ASN B 461 -4.27 -12.09 -46.01
C ASN B 461 -2.89 -11.45 -46.00
N THR B 462 -2.72 -10.34 -46.73
CA THR B 462 -1.46 -9.54 -46.76
C THR B 462 -1.74 -8.11 -46.26
N GLN B 463 -2.99 -7.81 -45.89
CA GLN B 463 -3.48 -6.45 -45.50
C GLN B 463 -2.96 -6.11 -44.09
N MET B 464 -2.26 -4.99 -43.95
CA MET B 464 -1.68 -4.55 -42.66
C MET B 464 -2.70 -3.66 -41.94
N GLN B 465 -2.76 -3.80 -40.62
CA GLN B 465 -3.46 -2.85 -39.70
C GLN B 465 -2.39 -1.98 -39.05
N LEU B 466 -2.62 -0.66 -39.01
CA LEU B 466 -1.66 0.34 -38.49
C LEU B 466 -2.31 1.08 -37.32
N TYR B 467 -1.63 1.13 -36.18
CA TYR B 467 -2.12 1.78 -34.95
C TYR B 467 -1.12 2.85 -34.50
N ASN B 468 -1.63 3.98 -34.03
CA ASN B 468 -0.85 5.05 -33.37
C ASN B 468 -0.93 4.78 -31.86
N LEU B 469 0.15 4.28 -31.26
CA LEU B 469 0.15 3.83 -29.85
C LEU B 469 0.08 5.04 -28.91
N GLU B 470 0.41 6.23 -29.42
CA GLU B 470 0.37 7.49 -28.64
C GLU B 470 -1.09 7.94 -28.43
N THR B 471 -1.94 7.83 -29.46
CA THR B 471 -3.37 8.27 -29.43
C THR B 471 -4.34 7.09 -29.32
N ASP B 472 -3.83 5.86 -29.38
CA ASP B 472 -4.67 4.64 -29.52
C ASP B 472 -3.86 3.45 -28.99
N ILE B 473 -3.61 3.44 -27.69
CA ILE B 473 -2.76 2.44 -26.97
C ILE B 473 -3.41 1.05 -27.07
N ARG B 474 -4.75 1.00 -27.17
CA ARG B 474 -5.55 -0.26 -27.17
C ARG B 474 -5.69 -0.81 -28.60
N GLU B 475 -5.16 -0.10 -29.61
CA GLU B 475 -5.09 -0.54 -31.03
C GLU B 475 -6.50 -0.89 -31.53
N GLU B 476 -7.47 -0.02 -31.27
CA GLU B 476 -8.89 -0.27 -31.60
C GLU B 476 -9.30 0.50 -32.86
N HIS B 477 -8.38 1.26 -33.48
CA HIS B 477 -8.67 2.22 -34.57
C HIS B 477 -7.56 2.16 -35.63
N ASP B 478 -7.71 1.24 -36.58
CA ASP B 478 -6.83 1.04 -37.76
C ASP B 478 -6.80 2.35 -38.55
N VAL B 479 -5.60 2.82 -38.91
CA VAL B 479 -5.41 4.07 -39.70
C VAL B 479 -4.40 3.80 -40.83
N ALA B 480 -4.36 2.56 -41.33
CA ALA B 480 -3.43 2.12 -42.41
C ALA B 480 -3.81 2.81 -43.73
N ALA B 481 -5.11 3.05 -43.96
CA ALA B 481 -5.65 3.76 -45.13
C ALA B 481 -5.07 5.18 -45.22
N GLN B 482 -4.76 5.79 -44.07
CA GLN B 482 -4.35 7.21 -43.93
C GLN B 482 -2.81 7.35 -43.97
N HIS B 483 -2.07 6.23 -44.01
CA HIS B 483 -0.58 6.21 -44.03
C HIS B 483 -0.07 5.09 -44.93
N PRO B 484 -0.44 5.09 -46.23
CA PRO B 484 0.08 4.12 -47.18
C PRO B 484 1.62 4.14 -47.25
N ASP B 485 2.23 5.30 -46.97
CA ASP B 485 3.71 5.51 -46.94
C ASP B 485 4.32 4.67 -45.82
N ILE B 486 3.70 4.65 -44.64
CA ILE B 486 4.23 3.93 -43.43
C ILE B 486 4.03 2.41 -43.60
N VAL B 487 2.86 1.99 -44.11
CA VAL B 487 2.54 0.56 -44.42
C VAL B 487 3.66 0.02 -45.31
N LYS B 488 4.01 0.74 -46.39
CA LYS B 488 5.05 0.31 -47.35
C LYS B 488 6.41 0.20 -46.65
N ARG B 489 6.86 1.24 -45.93
CA ARG B 489 8.13 1.18 -45.14
C ARG B 489 8.11 -0.10 -44.29
N PHE B 490 6.99 -0.37 -43.62
CA PHE B 490 6.82 -1.52 -42.67
C PHE B 490 6.87 -2.85 -43.43
N GLU B 491 6.22 -2.92 -44.60
CA GLU B 491 6.22 -4.13 -45.48
C GLU B 491 7.68 -4.50 -45.82
N ARG B 492 8.49 -3.51 -46.19
CA ARG B 492 9.91 -3.72 -46.57
C ARG B 492 10.73 -4.14 -45.34
N LEU B 493 10.47 -3.53 -44.18
CA LEU B 493 11.22 -3.81 -42.92
C LEU B 493 10.93 -5.24 -42.46
N MET B 494 9.71 -5.73 -42.71
CA MET B 494 9.30 -7.12 -42.38
C MET B 494 10.10 -8.12 -43.22
N LYS B 495 10.38 -7.81 -44.49
CA LYS B 495 11.21 -8.66 -45.39
C LYS B 495 12.66 -8.68 -44.90
N GLU B 496 13.23 -7.51 -44.59
CA GLU B 496 14.64 -7.37 -44.15
C GLU B 496 14.86 -8.05 -42.79
N ALA B 497 13.90 -7.92 -41.88
CA ALA B 497 14.03 -8.38 -40.47
C ALA B 497 14.20 -9.89 -40.38
N ARG B 498 13.62 -10.67 -41.32
CA ARG B 498 13.33 -12.11 -41.12
C ARG B 498 14.28 -13.02 -41.92
N ASN B 499 14.45 -14.25 -41.41
CA ASN B 499 15.23 -15.39 -41.95
C ASN B 499 14.28 -16.47 -42.46
N GLY B 500 14.83 -17.55 -43.03
CA GLY B 500 14.18 -18.86 -43.19
C GLY B 500 13.00 -18.80 -44.17
N PRO B 501 12.23 -19.90 -44.30
CA PRO B 501 11.10 -19.93 -45.24
C PRO B 501 10.04 -18.94 -44.76
N ASP B 502 9.41 -18.22 -45.69
CA ASP B 502 8.28 -17.29 -45.38
C ASP B 502 7.05 -18.14 -45.11
N PHE B 503 5.93 -17.50 -44.76
CA PHE B 503 4.61 -18.18 -44.59
C PHE B 503 3.53 -17.29 -45.21
S SO4 C . -1.13 21.91 19.03
O1 SO4 C . -1.31 20.50 18.92
O2 SO4 C . -1.45 22.51 17.76
O3 SO4 C . -2.01 22.42 20.05
O4 SO4 C . 0.24 22.18 19.36
C1 EDO D . -0.16 26.02 20.06
O1 EDO D . 1.05 26.68 20.41
C2 EDO D . -0.85 26.75 18.98
O2 EDO D . -1.59 27.86 19.42
C1 EDO E . -6.94 29.68 30.46
O1 EDO E . -5.65 29.65 31.06
C2 EDO E . -6.92 29.81 28.98
O2 EDO E . -8.16 30.08 28.37
CA CA F . -2.74 18.71 19.07
S SO4 G . 1.98 -21.45 -23.56
O1 SO4 G . 2.80 -22.30 -22.74
O2 SO4 G . 0.65 -22.01 -23.70
O3 SO4 G . 2.57 -21.29 -24.86
O4 SO4 G . 1.86 -20.17 -22.91
C1 EDO H . -6.29 -12.96 -24.96
O1 EDO H . -5.60 -13.08 -23.73
C2 EDO H . -5.59 -13.62 -26.10
O2 EDO H . -5.93 -13.10 -27.36
CA CA I . 3.16 -18.47 -21.70
#